data_7NF8
#
_entry.id   7NF8
#
_cell.length_a   1.00
_cell.length_b   1.00
_cell.length_c   1.00
_cell.angle_alpha   90.00
_cell.angle_beta   90.00
_cell.angle_gamma   90.00
#
_symmetry.space_group_name_H-M   'P 1'
#
loop_
_entity.id
_entity.type
_entity.pdbx_description
1 polymer 'B(0,+)-type amino acid transporter 1'
2 polymer 'neutral and basic amino acid transport protein rBAT'
3 branched 2-acetamido-2-deoxy-beta-D-glucopyranose-(1-4)-2-acetamido-2-deoxy-beta-D-glucopyranose
4 non-polymer CHOLESTEROL
5 non-polymer 1-palmitoyl-2-oleoyl-sn-glycero-3-phosphocholine
6 non-polymer 'CALCIUM ION'
7 non-polymer 2-acetamido-2-deoxy-beta-D-glucopyranose
#
loop_
_entity_poly.entity_id
_entity_poly.type
_entity_poly.pdbx_seq_one_letter_code
_entity_poly.pdbx_strand_id
1 'polypeptide(L)'
;MEETSLRKRRGDEKSIQSSEPKTTSLQKELGLFSGTCIIVGTIIGSGIFISPKSVLSNMEAVGPCLIIWAMCGVLATLGA
LCFAELGTMITKSGGEYPYLMEAFGPIPAYLFSWSSLFVIKPSSFAIICLSFSEYVCAPFYSGCSPPQVVIKTLAAAAIL
LISTVNALSVRLGSYVQNVFTAAKMVIVVIIIISGLVLLAQGNTRNFENSFEGASLSVGSISLALYNGLWAYDGWNQLNY
ITEELRNPFRNLPLAIIIGIPLVTGCYILMNVSYFTVMTATELLQSQAVAVTFGDRVLYPASWIVPLFVAFSTIGAANGS
CFTAGRLVFVAGREGHMLKVLSYISVKRLTPAPAIMFHSMIAIIYIIPGDINSLVNYFSFAAWLFYGLTITGLIVMRFTR
KELKRPIKVPIFIPILVTLLSVFLVLAPIISAPAWEYLYCVLFMLSGLVFYFLFVHYKFGWAQKISKPLTMHLQMLMEVV
PPEEAPEWSHPQFEKGGGSGGGSGGSAWSHPQFEK
;
B
2 'polypeptide(L)'
;GSAEDKSKRDSIGLNAKEGQTNNGFVQNEDILETDLDPSSPAAGPQHNTVDILGPGEPDVKDVRPYAGMPKEVLFQFSGQ
ARYRIPREVLFWLTVASVLLLIAATIAIIAISPKCLDWWQAGPMYQIYPRSFRDSNKDGDGDLKGIQDKLDYITTLNIKT
VWITSFYKSSLKDFRHAVEDFQEIDPIFGTMKDFENLVAAIHDKGLKLIIDFIPNHTSDKHAWFQWSRNRTGKYTDYYIW
HDCNYENGTTIPPNNWLSVYGNSSWHFDEVRKQCYFHQFMKEQPDLNFRNPDVQEEIKEIIQFWLSKGVDGFSFNALQYL
LEAKHLRDEAQVNKTQIPDTVTHYSQLHHDFTTTQVGMHDIVRSFRQTMNQYSREPGRYRFMGTEAHGESITETMVYYGL
PFIQEADFPFNSYLSKLDKPSGNSVSEVITSWLENMPEGKWPNWMTGGPDNVRLTSRLGEKYVNIMNMLVFTLPGTPITY
YGEEIGMRNILAANLNENYDTGTLFSKSPMQWDNSSNAGFSEGNHTWLPTSSDYHTVNVDVQKTQPRSALKLYQELSLLH
ANELLLSRGWFCYLRNDNHSIMYTRELDGINKVFLMVLNFGESSLLNLKEMISNIPTRVRIRLSTSSAYSGREVDTHAVT
LASGEGLILEYNTGNLLHRQTAFKDRCFVSNRACYSRVLNILYSLC
;
A
#
loop_
_chem_comp.id
_chem_comp.type
_chem_comp.name
_chem_comp.formula
CA non-polymer 'CALCIUM ION' 'Ca 2'
CLR non-polymer CHOLESTEROL 'C27 H46 O'
LBN non-polymer 1-palmitoyl-2-oleoyl-sn-glycero-3-phosphocholine 'C42 H82 N O8 P'
NAG D-saccharide, beta linking 2-acetamido-2-deoxy-beta-D-glucopyranose 'C8 H15 N O6'
#
# COMPACT_ATOMS: atom_id res chain seq x y z
N GLU A 29 41.57 20.02 24.32
CA GLU A 29 40.17 20.40 24.30
C GLU A 29 39.60 20.32 22.88
N LEU A 30 38.28 20.41 22.77
CA LEU A 30 37.58 20.27 21.49
C LEU A 30 37.39 21.63 20.84
N GLY A 31 37.76 21.72 19.56
CA GLY A 31 37.64 22.95 18.82
C GLY A 31 36.25 23.20 18.28
N LEU A 32 36.14 24.24 17.45
CA LEU A 32 34.85 24.64 16.91
C LEU A 32 34.36 23.64 15.86
N PHE A 33 35.26 23.10 15.05
CA PHE A 33 34.85 22.08 14.08
C PHE A 33 34.26 20.87 14.78
N SER A 34 34.94 20.38 15.81
CA SER A 34 34.34 19.37 16.66
C SER A 34 33.20 19.95 17.49
N GLY A 35 33.15 21.27 17.65
CA GLY A 35 32.06 21.88 18.41
C GLY A 35 30.71 21.66 17.75
N THR A 36 30.70 21.49 16.42
CA THR A 36 29.47 21.19 15.71
C THR A 36 29.31 19.71 15.44
N CYS A 37 30.41 18.99 15.22
CA CYS A 37 30.33 17.59 14.84
C CYS A 37 29.66 16.75 15.91
N ILE A 38 29.67 17.20 17.16
CA ILE A 38 28.91 16.51 18.20
C ILE A 38 27.43 16.84 18.11
N ILE A 39 27.10 18.10 17.79
CA ILE A 39 25.70 18.51 17.82
C ILE A 39 24.97 18.03 16.58
N VAL A 40 25.64 18.01 15.43
CA VAL A 40 24.96 17.57 14.21
C VAL A 40 24.68 16.08 14.26
N GLY A 41 25.62 15.30 14.77
CA GLY A 41 25.37 13.88 14.96
C GLY A 41 24.31 13.63 16.00
N THR A 42 24.09 14.59 16.89
CA THR A 42 23.09 14.42 17.95
C THR A 42 21.68 14.65 17.41
N ILE A 43 21.52 15.64 16.52
CA ILE A 43 20.18 16.01 16.08
C ILE A 43 19.62 14.97 15.12
N ILE A 44 20.39 14.61 14.08
CA ILE A 44 19.88 13.67 13.09
C ILE A 44 19.74 12.29 13.72
N GLY A 45 18.51 11.78 13.75
CA GLY A 45 18.26 10.48 14.35
C GLY A 45 17.30 9.67 13.51
N SER A 46 16.45 8.89 14.17
CA SER A 46 15.44 8.08 13.49
C SER A 46 14.18 8.86 13.20
N GLY A 47 14.19 10.18 13.36
CA GLY A 47 12.99 10.96 13.07
C GLY A 47 12.83 11.22 11.58
N ILE A 48 13.95 11.34 10.86
CA ILE A 48 13.89 11.63 9.43
C ILE A 48 13.43 10.43 8.63
N PHE A 49 13.43 9.24 9.21
CA PHE A 49 12.98 8.04 8.52
C PHE A 49 11.51 7.72 8.78
N ILE A 50 10.89 8.33 9.77
CA ILE A 50 9.51 8.01 10.13
C ILE A 50 8.56 9.19 9.94
N SER A 51 9.03 10.42 10.10
CA SER A 51 8.16 11.59 10.04
C SER A 51 7.70 11.99 8.64
N PRO A 52 8.52 11.85 7.58
CA PRO A 52 8.04 12.24 6.24
C PRO A 52 6.66 11.73 5.88
N LYS A 53 6.37 10.47 6.21
CA LYS A 53 5.03 9.94 5.94
C LYS A 53 3.97 10.72 6.69
N SER A 54 4.29 11.18 7.90
CA SER A 54 3.27 11.78 8.75
C SER A 54 3.11 13.28 8.48
N VAL A 55 4.19 13.95 8.07
CA VAL A 55 4.06 15.37 7.74
C VAL A 55 3.42 15.56 6.38
N LEU A 56 3.58 14.59 5.48
CA LEU A 56 2.98 14.69 4.16
C LEU A 56 1.51 14.32 4.16
N SER A 57 1.09 13.40 5.02
CA SER A 57 -0.32 13.05 5.12
C SER A 57 -1.16 14.17 5.70
N ASN A 58 -0.56 15.30 6.05
CA ASN A 58 -1.27 16.47 6.54
C ASN A 58 -1.05 17.72 5.70
N MET A 59 0.01 17.74 4.89
CA MET A 59 0.19 18.86 3.96
C MET A 59 -0.43 18.55 2.61
N GLU A 60 -0.45 17.27 2.23
CA GLU A 60 -1.06 16.74 1.02
C GLU A 60 -0.34 17.16 -0.27
N ALA A 61 0.71 17.98 -0.18
CA ALA A 61 1.41 18.42 -1.37
C ALA A 61 2.90 18.51 -1.09
N VAL A 62 3.69 18.24 -2.12
CA VAL A 62 5.14 18.21 -1.97
C VAL A 62 5.69 19.58 -1.62
N GLY A 63 5.08 20.65 -2.14
CA GLY A 63 5.56 21.99 -1.92
C GLY A 63 5.55 22.44 -0.47
N PRO A 64 4.38 22.42 0.17
CA PRO A 64 4.31 22.88 1.56
C PRO A 64 5.06 22.00 2.53
N CYS A 65 5.04 20.68 2.34
CA CYS A 65 5.72 19.80 3.28
C CYS A 65 7.23 19.95 3.20
N LEU A 66 7.71 20.75 2.23
CA LEU A 66 9.14 21.07 2.19
C LEU A 66 9.43 22.33 3.01
N ILE A 67 8.43 23.19 3.21
CA ILE A 67 8.67 24.37 4.02
C ILE A 67 8.46 24.07 5.50
N ILE A 68 7.79 22.95 5.81
CA ILE A 68 7.63 22.56 7.21
C ILE A 68 8.97 22.12 7.78
N TRP A 69 9.78 21.42 6.99
CA TRP A 69 11.08 20.99 7.48
C TRP A 69 12.02 22.18 7.67
N ALA A 70 11.76 23.28 6.97
CA ALA A 70 12.54 24.48 7.20
C ALA A 70 11.96 25.31 8.34
N MET A 71 10.62 25.44 8.37
CA MET A 71 9.99 26.24 9.42
C MET A 71 10.25 25.66 10.80
N CYS A 72 10.12 24.34 10.93
CA CYS A 72 10.42 23.71 12.21
C CYS A 72 11.93 23.58 12.42
N GLY A 73 12.70 23.57 11.33
CA GLY A 73 14.14 23.53 11.47
C GLY A 73 14.71 24.83 12.00
N VAL A 74 14.10 25.95 11.64
CA VAL A 74 14.52 27.22 12.21
C VAL A 74 14.02 27.35 13.64
N LEU A 75 12.79 26.90 13.90
CA LEU A 75 12.25 26.96 15.26
C LEU A 75 13.04 26.11 16.23
N ALA A 76 13.78 25.12 15.73
CA ALA A 76 14.63 24.31 16.62
C ALA A 76 15.96 25.00 16.90
N THR A 77 16.36 25.94 16.04
CA THR A 77 17.59 26.68 16.29
C THR A 77 17.38 27.74 17.37
N LEU A 78 16.27 28.48 17.29
CA LEU A 78 15.99 29.48 18.32
C LEU A 78 15.72 28.83 19.66
N GLY A 79 15.26 27.58 19.66
CA GLY A 79 15.12 26.87 20.92
C GLY A 79 16.46 26.55 21.55
N ALA A 80 17.36 25.96 20.76
CA ALA A 80 18.67 25.58 21.29
C ALA A 80 19.53 26.79 21.64
N LEU A 81 19.29 27.93 20.99
CA LEU A 81 20.03 29.14 21.35
C LEU A 81 19.56 29.68 22.69
N CYS A 82 18.24 29.74 22.90
CA CYS A 82 17.71 30.18 24.18
C CYS A 82 18.17 29.27 25.31
N PHE A 83 18.31 27.98 25.03
CA PHE A 83 18.82 27.05 26.05
C PHE A 83 20.30 27.24 26.32
N ALA A 84 21.03 27.90 25.42
CA ALA A 84 22.43 28.22 25.69
C ALA A 84 22.52 29.31 26.76
N GLU A 85 21.55 30.21 26.79
CA GLU A 85 21.55 31.27 27.80
C GLU A 85 21.39 30.68 29.19
N LEU A 86 20.30 29.95 29.43
CA LEU A 86 20.08 29.33 30.73
C LEU A 86 21.21 28.37 31.10
N GLY A 87 21.87 27.77 30.09
CA GLY A 87 22.92 26.84 30.38
C GLY A 87 24.20 27.49 30.86
N THR A 88 24.36 28.79 30.59
CA THR A 88 25.59 29.47 31.00
C THR A 88 25.38 30.30 32.26
N MET A 89 24.21 30.92 32.40
CA MET A 89 24.01 31.83 33.52
C MET A 89 23.66 31.07 34.81
N ILE A 90 22.85 30.01 34.69
CA ILE A 90 22.55 29.20 35.87
C ILE A 90 23.75 28.32 36.22
N THR A 91 24.29 27.60 35.23
CA THR A 91 25.50 26.80 35.39
C THR A 91 25.37 25.78 36.52
N LYS A 92 24.33 24.97 36.46
CA LYS A 92 24.11 23.90 37.43
C LYS A 92 24.09 22.55 36.72
N SER A 93 24.24 21.49 37.52
CA SER A 93 24.40 20.15 36.95
C SER A 93 23.09 19.64 36.36
N GLY A 94 21.96 20.03 36.95
CA GLY A 94 20.68 19.56 36.44
C GLY A 94 20.46 20.01 35.01
N GLY A 95 19.76 19.17 34.25
CA GLY A 95 19.58 19.46 32.83
C GLY A 95 18.67 20.65 32.57
N GLU A 96 17.38 20.50 32.88
CA GLU A 96 16.44 21.59 32.68
C GLU A 96 15.62 21.85 33.95
N TYR A 97 15.67 20.94 34.91
CA TYR A 97 15.03 21.06 36.21
C TYR A 97 15.48 22.31 36.97
N PRO A 98 16.77 22.69 36.91
CA PRO A 98 17.16 23.96 37.55
C PRO A 98 16.48 25.19 36.95
N TYR A 99 16.34 25.22 35.63
CA TYR A 99 15.83 26.43 34.97
C TYR A 99 14.40 26.73 35.40
N LEU A 100 13.62 25.71 35.74
CA LEU A 100 12.28 25.97 36.26
C LEU A 100 12.30 26.24 37.75
N MET A 101 13.30 25.74 38.46
CA MET A 101 13.44 26.06 39.87
C MET A 101 13.86 27.51 40.07
N GLU A 102 14.71 28.03 39.18
CA GLU A 102 15.26 29.36 39.36
C GLU A 102 14.24 30.46 39.05
N ALA A 103 13.22 30.15 38.25
CA ALA A 103 12.29 31.16 37.78
C ALA A 103 10.95 31.12 38.48
N PHE A 104 10.23 30.00 38.41
CA PHE A 104 8.83 29.95 38.79
C PHE A 104 8.59 29.41 40.20
N GLY A 105 9.60 28.83 40.83
CA GLY A 105 9.41 28.23 42.13
C GLY A 105 9.56 26.72 42.10
N PRO A 106 8.95 26.02 43.06
CA PRO A 106 9.15 24.58 43.16
C PRO A 106 8.07 23.73 42.50
N ILE A 107 6.94 24.31 42.13
CA ILE A 107 5.86 23.49 41.60
C ILE A 107 6.09 23.18 40.11
N PRO A 108 6.57 24.11 39.26
CA PRO A 108 6.83 23.68 37.88
C PRO A 108 8.07 22.81 37.78
N ALA A 109 9.06 23.05 38.64
CA ALA A 109 10.24 22.20 38.67
C ALA A 109 9.87 20.76 39.03
N TYR A 110 8.97 20.59 39.99
CA TYR A 110 8.51 19.25 40.33
C TYR A 110 7.60 18.69 39.24
N LEU A 111 6.67 19.51 38.74
CA LEU A 111 5.75 19.03 37.72
C LEU A 111 6.49 18.59 36.46
N PHE A 112 7.63 19.21 36.17
CA PHE A 112 8.44 18.74 35.05
C PHE A 112 9.17 17.45 35.40
N SER A 113 9.69 17.36 36.62
CA SER A 113 10.33 16.12 37.05
C SER A 113 9.33 14.97 37.05
N TRP A 114 8.05 15.28 37.30
CA TRP A 114 7.04 14.24 37.27
C TRP A 114 6.77 13.76 35.86
N SER A 115 6.53 14.71 34.94
CA SER A 115 6.19 14.33 33.57
C SER A 115 7.39 13.73 32.85
N SER A 116 8.59 14.28 33.07
CA SER A 116 9.77 13.75 32.40
C SER A 116 10.17 12.37 32.91
N LEU A 117 9.41 11.80 33.84
CA LEU A 117 9.63 10.43 34.30
C LEU A 117 8.51 9.50 33.92
N PHE A 118 7.31 10.02 33.66
CA PHE A 118 6.18 9.21 33.27
C PHE A 118 5.66 9.50 31.88
N VAL A 119 6.03 10.62 31.27
CA VAL A 119 5.47 10.99 29.98
C VAL A 119 6.56 11.21 28.93
N ILE A 120 7.44 12.18 29.17
CA ILE A 120 8.34 12.63 28.11
C ILE A 120 9.40 11.58 27.82
N LYS A 121 10.07 11.07 28.84
CA LYS A 121 11.16 10.15 28.62
C LYS A 121 10.71 8.73 28.26
N PRO A 122 9.68 8.17 28.91
CA PRO A 122 9.24 6.83 28.50
C PRO A 122 8.63 6.79 27.11
N SER A 123 7.82 7.78 26.75
CA SER A 123 7.17 7.74 25.45
C SER A 123 8.17 7.98 24.33
N SER A 124 9.21 8.77 24.58
CA SER A 124 10.25 8.95 23.57
C SER A 124 11.07 7.70 23.41
N PHE A 125 11.12 6.87 24.45
CA PHE A 125 11.77 5.56 24.33
C PHE A 125 10.88 4.58 23.60
N ALA A 126 9.57 4.76 23.68
CA ALA A 126 8.65 3.84 23.00
C ALA A 126 8.51 4.18 21.52
N ILE A 127 8.72 5.45 21.15
CA ILE A 127 8.64 5.81 19.74
C ILE A 127 9.90 5.39 19.00
N ILE A 128 11.05 5.44 19.67
CA ILE A 128 12.29 5.02 19.00
C ILE A 128 12.31 3.52 18.79
N CYS A 129 11.77 2.75 19.72
CA CYS A 129 11.72 1.29 19.59
C CYS A 129 10.51 0.81 18.79
N LEU A 130 9.46 1.62 18.68
CA LEU A 130 8.39 1.30 17.75
C LEU A 130 8.81 1.56 16.32
N SER A 131 9.76 2.48 16.12
CA SER A 131 10.26 2.84 14.79
C SER A 131 11.45 1.99 14.38
N PHE A 132 11.95 1.13 15.26
CA PHE A 132 12.99 0.18 14.90
C PHE A 132 12.42 -1.13 14.40
N SER A 133 11.21 -1.50 14.84
CA SER A 133 10.53 -2.67 14.33
C SER A 133 9.75 -2.39 13.06
N GLU A 134 9.48 -1.12 12.74
CA GLU A 134 8.92 -0.82 11.43
C GLU A 134 9.94 -1.03 10.32
N TYR A 135 11.23 -0.94 10.65
CA TYR A 135 12.27 -1.08 9.64
C TYR A 135 12.88 -2.46 9.60
N VAL A 136 12.73 -3.24 10.67
CA VAL A 136 13.24 -4.60 10.63
C VAL A 136 12.25 -5.53 9.95
N CYS A 137 10.95 -5.31 10.16
CA CYS A 137 9.93 -6.21 9.65
C CYS A 137 9.27 -5.69 8.37
N ALA A 138 9.72 -4.57 7.82
CA ALA A 138 9.18 -4.06 6.57
C ALA A 138 9.66 -4.86 5.36
N PRO A 139 10.93 -5.27 5.28
CA PRO A 139 11.33 -6.09 4.14
C PRO A 139 10.65 -7.45 4.08
N PHE A 140 10.42 -8.10 5.22
CA PHE A 140 9.77 -9.41 5.21
C PHE A 140 8.29 -9.34 4.91
N TYR A 141 7.74 -8.14 4.77
CA TYR A 141 6.34 -7.93 4.43
C TYR A 141 6.25 -7.04 3.21
N SER A 142 7.03 -7.37 2.19
CA SER A 142 7.09 -6.57 0.97
C SER A 142 5.72 -6.46 0.32
N GLY A 143 5.40 -5.26 -0.14
CA GLY A 143 4.17 -5.01 -0.85
C GLY A 143 2.99 -4.59 0.00
N CYS A 144 3.02 -4.86 1.30
CA CYS A 144 1.88 -4.57 2.16
C CYS A 144 2.38 -4.19 3.55
N SER A 145 1.42 -3.91 4.44
CA SER A 145 1.77 -3.51 5.80
C SER A 145 1.86 -4.75 6.69
N PRO A 146 2.80 -4.77 7.65
CA PRO A 146 2.86 -5.90 8.57
C PRO A 146 1.79 -5.78 9.63
N PRO A 147 1.44 -6.89 10.29
CA PRO A 147 0.41 -6.82 11.33
C PRO A 147 0.89 -6.05 12.54
N GLN A 148 -0.07 -5.57 13.34
CA GLN A 148 0.30 -4.80 14.52
C GLN A 148 0.94 -5.68 15.58
N VAL A 149 0.65 -6.98 15.57
CA VAL A 149 1.21 -7.85 16.60
C VAL A 149 2.69 -8.11 16.33
N VAL A 150 3.12 -7.96 15.08
CA VAL A 150 4.53 -8.20 14.77
C VAL A 150 5.38 -6.99 15.12
N ILE A 151 4.87 -5.77 14.90
CA ILE A 151 5.65 -4.58 15.17
C ILE A 151 5.56 -4.14 16.62
N LYS A 152 4.76 -4.82 17.44
CA LYS A 152 4.76 -4.59 18.87
C LYS A 152 5.53 -5.67 19.64
N THR A 153 5.41 -6.92 19.22
CA THR A 153 6.22 -7.98 19.80
C THR A 153 7.70 -7.79 19.51
N LEU A 154 8.04 -7.14 18.40
CA LEU A 154 9.44 -6.86 18.10
C LEU A 154 9.91 -5.58 18.79
N ALA A 155 9.01 -4.65 19.06
CA ALA A 155 9.38 -3.47 19.82
C ALA A 155 9.54 -3.79 21.30
N ALA A 156 8.63 -4.61 21.84
CA ALA A 156 8.76 -5.00 23.24
C ALA A 156 10.00 -5.85 23.47
N ALA A 157 10.52 -6.50 22.44
CA ALA A 157 11.75 -7.26 22.59
C ALA A 157 12.97 -6.39 22.42
N ALA A 158 12.80 -5.17 21.90
CA ALA A 158 13.92 -4.25 21.81
C ALA A 158 14.05 -3.42 23.08
N ILE A 159 12.93 -3.04 23.67
CA ILE A 159 12.96 -2.27 24.91
C ILE A 159 13.58 -3.08 26.03
N LEU A 160 13.23 -4.36 26.12
CA LEU A 160 13.77 -5.19 27.19
C LEU A 160 15.23 -5.50 26.97
N LEU A 161 15.67 -5.62 25.72
CA LEU A 161 17.08 -5.92 25.46
C LEU A 161 17.95 -4.68 25.59
N ILE A 162 17.42 -3.51 25.20
CA ILE A 162 18.19 -2.28 25.33
C ILE A 162 18.31 -1.88 26.79
N SER A 163 17.27 -2.15 27.58
CA SER A 163 17.30 -1.78 28.99
C SER A 163 18.00 -2.83 29.86
N THR A 164 18.16 -4.05 29.36
CA THR A 164 18.92 -5.05 30.09
C THR A 164 20.42 -4.93 29.86
N VAL A 165 20.83 -4.67 28.62
CA VAL A 165 22.25 -4.47 28.34
C VAL A 165 22.78 -3.25 29.08
N ASN A 166 22.01 -2.17 29.12
CA ASN A 166 22.45 -0.93 29.76
C ASN A 166 22.39 -1.00 31.28
N ALA A 167 21.87 -2.08 31.85
CA ALA A 167 21.89 -2.29 33.29
C ALA A 167 22.99 -3.24 33.72
N LEU A 168 23.34 -4.24 32.91
CA LEU A 168 24.38 -5.17 33.28
C LEU A 168 25.76 -4.57 33.06
N SER A 169 25.89 -3.63 32.12
CA SER A 169 27.21 -3.14 31.75
C SER A 169 27.12 -1.66 31.40
N VAL A 170 28.27 -1.00 31.47
CA VAL A 170 28.43 0.35 30.97
C VAL A 170 29.33 0.40 29.74
N ARG A 171 30.40 -0.41 29.70
CA ARG A 171 31.27 -0.43 28.53
C ARG A 171 30.50 -0.76 27.27
N LEU A 172 29.56 -1.71 27.35
CA LEU A 172 28.78 -2.07 26.17
C LEU A 172 27.83 -0.96 25.77
N GLY A 173 27.57 -0.02 26.68
CA GLY A 173 26.80 1.16 26.30
C GLY A 173 27.55 2.03 25.32
N SER A 174 28.81 2.34 25.62
CA SER A 174 29.64 3.15 24.73
C SER A 174 30.50 2.32 23.80
N TYR A 175 30.44 0.98 23.88
CA TYR A 175 31.18 0.15 22.95
C TYR A 175 30.63 0.29 21.54
N VAL A 176 29.30 0.18 21.40
CA VAL A 176 28.67 0.18 20.07
C VAL A 176 28.11 1.53 19.69
N GLN A 177 28.45 2.60 20.40
CA GLN A 177 27.85 3.90 20.09
C GLN A 177 28.54 4.55 18.89
N ASN A 178 29.87 4.52 18.86
CA ASN A 178 30.59 5.22 17.80
C ASN A 178 30.39 4.53 16.45
N VAL A 179 30.08 3.22 16.47
CA VAL A 179 29.79 2.53 15.22
C VAL A 179 28.34 2.78 14.80
N PHE A 180 27.43 2.87 15.78
CA PHE A 180 26.03 3.13 15.47
C PHE A 180 25.80 4.55 14.95
N THR A 181 26.69 5.49 15.24
CA THR A 181 26.57 6.81 14.64
C THR A 181 27.30 6.89 13.31
N ALA A 182 28.06 5.85 12.94
CA ALA A 182 28.62 5.79 11.59
C ALA A 182 27.57 5.34 10.60
N ALA A 183 26.87 4.25 10.89
CA ALA A 183 25.81 3.79 10.01
C ALA A 183 24.72 4.84 9.85
N LYS A 184 24.50 5.64 10.89
CA LYS A 184 23.50 6.70 10.81
C LYS A 184 23.88 7.73 9.74
N MET A 185 25.16 8.05 9.62
CA MET A 185 25.57 9.08 8.68
C MET A 185 25.92 8.50 7.31
N VAL A 186 26.26 7.21 7.26
CA VAL A 186 26.51 6.57 5.97
C VAL A 186 25.25 6.58 5.12
N ILE A 187 24.10 6.28 5.73
CA ILE A 187 22.84 6.27 4.98
C ILE A 187 22.42 7.69 4.62
N VAL A 188 22.61 8.65 5.54
CA VAL A 188 22.19 10.02 5.27
C VAL A 188 22.87 10.59 4.04
N VAL A 189 24.11 10.18 3.74
CA VAL A 189 24.77 10.69 2.54
C VAL A 189 24.44 9.82 1.33
N ILE A 190 24.10 8.56 1.54
CA ILE A 190 23.73 7.71 0.42
C ILE A 190 22.37 8.12 -0.13
N ILE A 191 21.42 8.45 0.74
CA ILE A 191 20.12 8.92 0.28
C ILE A 191 20.26 10.27 -0.39
N ILE A 192 21.16 11.12 0.09
CA ILE A 192 21.28 12.47 -0.45
C ILE A 192 21.99 12.44 -1.80
N ILE A 193 23.12 11.74 -1.89
CA ILE A 193 23.86 11.66 -3.14
C ILE A 193 23.00 11.02 -4.23
N SER A 194 22.30 9.94 -3.88
CA SER A 194 21.43 9.28 -4.85
C SER A 194 20.27 10.18 -5.25
N GLY A 195 19.70 10.91 -4.30
CA GLY A 195 18.61 11.81 -4.61
C GLY A 195 19.03 13.07 -5.33
N LEU A 196 20.33 13.35 -5.39
CA LEU A 196 20.81 14.47 -6.17
C LEU A 196 21.18 14.04 -7.59
N VAL A 197 21.89 12.91 -7.71
CA VAL A 197 22.23 12.37 -9.02
C VAL A 197 20.96 12.17 -9.84
N LEU A 198 19.93 11.58 -9.23
CA LEU A 198 18.67 11.38 -9.95
C LEU A 198 18.02 12.70 -10.32
N LEU A 199 18.31 13.77 -9.57
CA LEU A 199 17.74 15.07 -9.91
C LEU A 199 18.43 15.68 -11.12
N ALA A 200 19.70 15.33 -11.34
CA ALA A 200 20.39 15.79 -12.54
C ALA A 200 19.84 15.12 -13.78
N GLN A 201 19.42 13.85 -13.65
CA GLN A 201 18.86 13.13 -14.78
C GLN A 201 17.44 13.57 -15.13
N GLY A 202 16.92 14.60 -14.47
CA GLY A 202 15.68 15.23 -14.88
C GLY A 202 14.41 14.63 -14.35
N ASN A 203 14.46 13.87 -13.24
CA ASN A 203 13.27 13.25 -12.66
C ASN A 203 12.54 14.28 -11.81
N THR A 204 11.98 15.28 -12.49
CA THR A 204 11.40 16.46 -11.86
C THR A 204 9.88 16.43 -11.82
N ARG A 205 9.24 15.32 -12.17
CA ARG A 205 7.80 15.32 -12.38
C ARG A 205 7.02 15.54 -11.09
N ASN A 206 7.63 15.29 -9.93
CA ASN A 206 6.87 15.26 -8.68
C ASN A 206 6.64 16.66 -8.11
N PHE A 207 7.69 17.48 -8.03
CA PHE A 207 7.53 18.84 -7.54
C PHE A 207 7.38 19.85 -8.66
N GLU A 208 6.88 19.44 -9.82
CA GLU A 208 6.66 20.40 -10.91
C GLU A 208 5.45 21.28 -10.65
N ASN A 209 4.40 20.72 -10.05
CA ASN A 209 3.13 21.41 -9.89
C ASN A 209 2.73 21.34 -8.42
N SER A 210 3.69 21.67 -7.55
CA SER A 210 3.49 21.66 -6.11
C SER A 210 2.45 22.71 -5.70
N PHE A 211 2.05 22.64 -4.43
CA PHE A 211 1.10 23.52 -3.75
C PHE A 211 -0.32 23.37 -4.25
N GLU A 212 -0.61 22.41 -5.14
CA GLU A 212 -1.91 22.41 -5.80
C GLU A 212 -3.03 21.97 -4.86
N GLY A 213 -2.74 21.08 -3.92
CA GLY A 213 -3.78 20.60 -3.02
C GLY A 213 -3.44 20.84 -1.56
N ALA A 214 -2.73 21.93 -1.30
CA ALA A 214 -2.21 22.20 0.04
C ALA A 214 -3.34 22.51 1.01
N SER A 215 -3.45 21.71 2.06
CA SER A 215 -4.49 21.88 3.08
C SER A 215 -3.92 22.61 4.30
N LEU A 216 -3.52 23.85 4.09
CA LEU A 216 -3.02 24.67 5.19
C LEU A 216 -4.16 25.03 6.12
N SER A 217 -4.05 24.64 7.39
CA SER A 217 -5.04 24.93 8.41
C SER A 217 -4.39 24.76 9.77
N VAL A 218 -4.93 25.46 10.77
CA VAL A 218 -4.41 25.32 12.13
C VAL A 218 -4.51 23.89 12.61
N GLY A 219 -5.43 23.12 12.02
CA GLY A 219 -5.51 21.70 12.29
C GLY A 219 -4.33 20.94 11.73
N SER A 220 -4.02 21.17 10.44
CA SER A 220 -2.96 20.40 9.80
C SER A 220 -1.59 20.97 10.09
N ILE A 221 -1.45 22.30 10.12
CA ILE A 221 -0.12 22.89 10.32
C ILE A 221 0.44 22.54 11.69
N SER A 222 -0.42 22.51 12.71
CA SER A 222 0.04 22.12 14.04
C SER A 222 0.42 20.65 14.08
N LEU A 223 -0.47 19.78 13.61
CA LEU A 223 -0.21 18.34 13.64
C LEU A 223 0.97 17.96 12.77
N ALA A 224 1.31 18.80 11.79
CA ALA A 224 2.48 18.53 10.96
C ALA A 224 3.75 19.17 11.51
N LEU A 225 3.62 20.06 12.49
CA LEU A 225 4.81 20.58 13.16
C LEU A 225 5.26 19.65 14.27
N TYR A 226 4.32 18.90 14.86
CA TYR A 226 4.68 17.87 15.83
C TYR A 226 5.64 16.86 15.21
N ASN A 227 5.26 16.30 14.06
CA ASN A 227 6.05 15.23 13.47
C ASN A 227 7.33 15.76 12.86
N GLY A 228 7.34 17.02 12.43
CA GLY A 228 8.56 17.61 11.91
C GLY A 228 9.55 17.94 13.00
N LEU A 229 9.04 18.32 14.17
CA LEU A 229 9.93 18.70 15.27
C LEU A 229 10.46 17.48 16.00
N TRP A 230 9.74 16.36 15.96
CA TRP A 230 10.25 15.13 16.56
C TRP A 230 11.55 14.68 15.92
N ALA A 231 11.77 15.02 14.66
CA ALA A 231 13.03 14.70 14.02
C ALA A 231 14.17 15.57 14.51
N TYR A 232 13.86 16.64 15.25
CA TYR A 232 14.88 17.50 15.84
C TYR A 232 15.04 17.25 17.33
N ASP A 233 14.36 16.26 17.87
CA ASP A 233 14.46 15.98 19.29
C ASP A 233 15.91 15.70 19.67
N GLY A 234 16.40 16.44 20.66
CA GLY A 234 17.79 16.38 21.06
C GLY A 234 18.51 17.71 21.01
N TRP A 235 17.79 18.81 20.77
CA TRP A 235 18.41 20.12 20.78
C TRP A 235 18.47 20.73 22.17
N ASN A 236 17.63 20.28 23.10
CA ASN A 236 17.67 20.82 24.45
C ASN A 236 18.83 20.25 25.24
N GLN A 237 19.18 18.98 25.00
CA GLN A 237 20.31 18.36 25.69
C GLN A 237 21.62 18.63 24.96
N LEU A 238 21.90 19.89 24.70
CA LEU A 238 23.09 20.30 23.97
C LEU A 238 24.03 21.18 24.79
N ASN A 239 23.71 21.45 26.05
CA ASN A 239 24.50 22.36 26.85
C ASN A 239 25.70 21.70 27.51
N TYR A 240 25.74 20.37 27.56
CA TYR A 240 26.83 19.69 28.26
C TYR A 240 28.16 19.86 27.54
N ILE A 241 28.13 20.24 26.26
CA ILE A 241 29.36 20.27 25.48
C ILE A 241 30.24 21.47 25.82
N THR A 242 29.69 22.48 26.50
CA THR A 242 30.47 23.68 26.78
C THR A 242 31.65 23.36 27.70
N GLU A 243 31.53 22.31 28.52
CA GLU A 243 32.59 22.00 29.47
C GLU A 243 33.90 21.65 28.77
N GLU A 244 33.82 21.02 27.60
CA GLU A 244 35.04 20.68 26.88
C GLU A 244 35.26 21.56 25.65
N LEU A 245 34.38 22.52 25.39
CA LEU A 245 34.61 23.43 24.27
C LEU A 245 35.82 24.31 24.56
N ARG A 246 36.58 24.59 23.49
CA ARG A 246 37.81 25.39 23.65
C ARG A 246 37.48 26.78 24.19
N ASN A 247 36.55 27.47 23.54
CA ASN A 247 36.14 28.81 23.98
C ASN A 247 34.62 28.84 23.96
N PRO A 248 33.99 28.47 25.07
CA PRO A 248 32.54 28.21 25.04
C PRO A 248 31.69 29.40 24.65
N PHE A 249 31.85 30.54 25.35
CA PHE A 249 30.97 31.67 25.13
C PHE A 249 31.07 32.19 23.70
N ARG A 250 32.27 32.14 23.11
CA ARG A 250 32.45 32.70 21.78
C ARG A 250 32.03 31.71 20.69
N ASN A 251 32.11 30.41 20.97
CA ASN A 251 31.94 29.39 19.95
C ASN A 251 30.63 28.63 20.03
N LEU A 252 30.04 28.48 21.21
CA LEU A 252 28.83 27.66 21.32
C LEU A 252 27.64 28.26 20.58
N PRO A 253 27.28 29.54 20.76
CA PRO A 253 26.20 30.09 19.91
C PRO A 253 26.56 30.03 18.43
N LEU A 254 27.86 29.99 18.11
CA LEU A 254 28.26 29.80 16.73
C LEU A 254 28.10 28.36 16.31
N ALA A 255 28.53 27.41 17.16
CA ALA A 255 28.40 26.00 16.82
C ALA A 255 26.95 25.57 16.75
N ILE A 256 26.05 26.34 17.35
CA ILE A 256 24.63 26.05 17.25
C ILE A 256 24.00 26.69 16.01
N ILE A 257 24.32 27.96 15.73
CA ILE A 257 23.65 28.64 14.63
C ILE A 257 24.22 28.22 13.28
N ILE A 258 25.28 27.41 13.28
CA ILE A 258 25.80 26.80 12.06
C ILE A 258 25.70 25.29 12.09
N GLY A 259 25.42 24.70 13.24
CA GLY A 259 25.29 23.26 13.34
C GLY A 259 23.89 22.76 13.02
N ILE A 260 22.89 23.30 13.72
CA ILE A 260 21.51 22.90 13.44
C ILE A 260 21.05 23.42 12.09
N PRO A 261 21.26 24.68 11.71
CA PRO A 261 20.90 25.09 10.35
C PRO A 261 21.62 24.30 9.27
N LEU A 262 22.72 23.63 9.60
CA LEU A 262 23.32 22.69 8.67
C LEU A 262 22.53 21.39 8.61
N VAL A 263 21.80 21.07 9.68
CA VAL A 263 21.05 19.83 9.71
C VAL A 263 19.70 20.00 9.03
N THR A 264 19.01 21.12 9.26
CA THR A 264 17.76 21.35 8.53
C THR A 264 18.01 21.42 7.04
N GLY A 265 19.19 21.90 6.64
CA GLY A 265 19.55 21.85 5.24
C GLY A 265 19.80 20.45 4.73
N CYS A 266 20.20 19.56 5.63
CA CYS A 266 20.38 18.16 5.29
C CYS A 266 19.09 17.36 5.39
N TYR A 267 18.02 17.96 5.90
CA TYR A 267 16.71 17.31 5.92
C TYR A 267 15.91 17.63 4.67
N ILE A 268 15.89 18.90 4.25
CA ILE A 268 15.19 19.24 3.02
C ILE A 268 15.95 18.73 1.82
N LEU A 269 17.25 18.50 1.95
CA LEU A 269 18.03 17.83 0.91
C LEU A 269 17.95 16.33 1.01
N MET A 270 17.18 15.81 1.96
CA MET A 270 16.90 14.40 2.10
C MET A 270 15.43 14.08 1.93
N ASN A 271 14.55 15.00 2.29
CA ASN A 271 13.13 14.86 1.97
C ASN A 271 12.87 15.15 0.51
N VAL A 272 13.69 15.99 -0.13
CA VAL A 272 13.59 16.17 -1.57
C VAL A 272 14.03 14.89 -2.28
N SER A 273 15.03 14.21 -1.74
CA SER A 273 15.51 12.97 -2.32
C SER A 273 14.52 11.82 -2.16
N TYR A 274 13.43 12.01 -1.42
CA TYR A 274 12.34 11.04 -1.44
C TYR A 274 11.40 11.31 -2.60
N PHE A 275 10.93 12.55 -2.74
CA PHE A 275 9.97 12.90 -3.78
C PHE A 275 10.58 12.85 -5.18
N THR A 276 11.89 12.89 -5.30
CA THR A 276 12.52 12.68 -6.61
C THR A 276 12.28 11.25 -7.09
N VAL A 277 12.25 10.30 -6.16
CA VAL A 277 12.13 8.90 -6.56
C VAL A 277 10.68 8.45 -6.61
N MET A 278 9.90 8.72 -5.57
CA MET A 278 8.54 8.23 -5.49
C MET A 278 7.57 9.40 -5.36
N THR A 279 6.29 9.10 -5.54
CA THR A 279 5.24 10.10 -5.62
C THR A 279 4.56 10.31 -4.28
N ALA A 280 3.74 11.36 -4.21
CA ALA A 280 3.08 11.72 -2.97
C ALA A 280 2.02 10.70 -2.58
N THR A 281 1.57 9.88 -3.54
CA THR A 281 0.52 8.90 -3.22
C THR A 281 1.12 7.61 -2.71
N GLU A 282 2.35 7.29 -3.12
CA GLU A 282 3.01 6.08 -2.64
C GLU A 282 3.70 6.29 -1.31
N LEU A 283 3.98 7.54 -0.95
CA LEU A 283 4.61 7.81 0.35
C LEU A 283 3.72 7.35 1.50
N LEU A 284 2.46 7.76 1.49
CA LEU A 284 1.56 7.45 2.60
C LEU A 284 1.25 5.97 2.71
N GLN A 285 1.66 5.16 1.73
CA GLN A 285 1.33 3.74 1.76
C GLN A 285 2.20 2.98 2.76
N SER A 286 3.49 3.29 2.81
CA SER A 286 4.44 2.58 3.64
C SER A 286 4.82 3.43 4.85
N GLN A 287 4.99 2.78 6.00
CA GLN A 287 5.48 3.50 7.17
C GLN A 287 6.99 3.64 7.12
N ALA A 288 7.69 2.62 6.65
CA ALA A 288 9.14 2.68 6.46
C ALA A 288 9.42 3.36 5.14
N VAL A 289 9.65 4.66 5.18
CA VAL A 289 9.83 5.44 3.96
C VAL A 289 11.15 5.11 3.28
N ALA A 290 12.23 4.98 4.04
CA ALA A 290 13.53 4.72 3.43
C ALA A 290 13.64 3.30 2.89
N VAL A 291 12.80 2.37 3.34
CA VAL A 291 12.79 1.04 2.75
C VAL A 291 12.18 1.07 1.36
N THR A 292 11.10 1.83 1.18
CA THR A 292 10.52 2.01 -0.14
C THR A 292 11.53 2.65 -1.10
N PHE A 293 12.43 3.47 -0.57
CA PHE A 293 13.44 4.15 -1.37
C PHE A 293 14.56 3.22 -1.80
N GLY A 294 15.03 2.34 -0.92
CA GLY A 294 16.15 1.47 -1.27
C GLY A 294 15.80 0.43 -2.29
N ASP A 295 14.53 0.02 -2.36
CA ASP A 295 14.09 -0.93 -3.37
C ASP A 295 14.05 -0.29 -4.75
N ARG A 296 13.76 1.01 -4.82
CA ARG A 296 13.55 1.65 -6.10
C ARG A 296 14.87 2.10 -6.73
N VAL A 297 15.90 2.31 -5.91
CA VAL A 297 17.13 2.95 -6.36
C VAL A 297 18.35 2.07 -6.20
N LEU A 298 18.32 1.11 -5.28
CA LEU A 298 19.52 0.36 -4.89
C LEU A 298 19.22 -1.14 -5.01
N TYR A 299 18.67 -1.55 -6.14
CA TYR A 299 18.17 -2.92 -6.25
C TYR A 299 19.22 -4.00 -6.01
N PRO A 300 20.46 -3.92 -6.52
CA PRO A 300 21.40 -5.01 -6.28
C PRO A 300 21.59 -5.33 -4.80
N ALA A 301 21.74 -4.31 -3.97
CA ALA A 301 21.79 -4.47 -2.51
C ALA A 301 20.82 -3.46 -1.92
N SER A 302 19.55 -3.83 -1.83
CA SER A 302 18.52 -2.99 -1.24
C SER A 302 18.29 -3.29 0.23
N TRP A 303 18.81 -4.41 0.72
CA TRP A 303 18.76 -4.73 2.14
C TRP A 303 19.63 -3.81 2.98
N ILE A 304 20.42 -2.95 2.35
CA ILE A 304 21.35 -2.11 3.11
C ILE A 304 20.60 -1.07 3.92
N VAL A 305 19.47 -0.59 3.40
CA VAL A 305 18.73 0.45 4.09
C VAL A 305 18.05 -0.10 5.34
N PRO A 306 17.24 -1.17 5.26
CA PRO A 306 16.65 -1.69 6.50
C PRO A 306 17.68 -2.21 7.49
N LEU A 307 18.90 -2.51 7.05
CA LEU A 307 19.92 -2.98 7.97
C LEU A 307 20.63 -1.81 8.65
N PHE A 308 20.97 -0.78 7.89
CA PHE A 308 21.69 0.35 8.46
C PHE A 308 20.78 1.23 9.31
N VAL A 309 19.52 1.38 8.89
CA VAL A 309 18.58 2.19 9.67
C VAL A 309 18.23 1.49 10.98
N ALA A 310 18.19 0.16 10.96
CA ALA A 310 17.95 -0.57 12.20
C ALA A 310 19.13 -0.42 13.16
N PHE A 311 20.34 -0.20 12.62
CA PHE A 311 21.49 0.09 13.46
C PHE A 311 21.35 1.44 14.15
N SER A 312 21.11 2.49 13.37
CA SER A 312 21.06 3.84 13.92
C SER A 312 19.90 4.02 14.87
N THR A 313 18.76 3.39 14.56
CA THR A 313 17.58 3.55 15.42
C THR A 313 17.77 2.87 16.76
N ILE A 314 18.48 1.75 16.79
CA ILE A 314 18.78 1.11 18.07
C ILE A 314 19.96 1.77 18.76
N GLY A 315 20.71 2.61 18.05
CA GLY A 315 21.75 3.38 18.70
C GLY A 315 21.20 4.62 19.38
N ALA A 316 20.19 5.24 18.77
CA ALA A 316 19.56 6.40 19.39
C ALA A 316 18.79 6.02 20.64
N ALA A 317 18.29 4.79 20.68
CA ALA A 317 17.64 4.31 21.90
C ALA A 317 18.65 4.11 23.02
N ASN A 318 19.86 3.69 22.66
CA ASN A 318 20.91 3.55 23.66
C ASN A 318 21.24 4.88 24.32
N GLY A 319 21.10 5.98 23.57
CA GLY A 319 21.37 7.28 24.13
C GLY A 319 20.30 7.74 25.11
N SER A 320 19.06 7.28 24.90
CA SER A 320 17.98 7.67 25.80
C SER A 320 18.10 6.97 27.15
N CYS A 321 18.44 5.68 27.13
CA CYS A 321 18.51 4.92 28.37
C CYS A 321 19.70 5.34 29.23
N PHE A 322 20.73 5.92 28.62
CA PHE A 322 21.90 6.36 29.38
C PHE A 322 21.56 7.54 30.28
N THR A 323 20.73 8.45 29.81
CA THR A 323 20.41 9.67 30.53
C THR A 323 19.23 9.53 31.49
N ALA A 324 18.69 8.32 31.63
CA ALA A 324 17.52 8.15 32.48
C ALA A 324 17.85 8.41 33.95
N GLY A 325 19.05 8.03 34.38
CA GLY A 325 19.42 8.22 35.77
C GLY A 325 19.91 9.64 36.05
N ARG A 326 20.01 10.46 35.02
CA ARG A 326 20.61 11.78 35.18
C ARG A 326 19.70 12.71 35.99
N LEU A 327 18.47 12.92 35.50
CA LEU A 327 17.62 13.94 36.10
C LEU A 327 17.08 13.50 37.46
N VAL A 328 16.91 12.19 37.66
CA VAL A 328 16.37 11.72 38.94
C VAL A 328 17.35 11.97 40.06
N PHE A 329 18.64 12.07 39.74
CA PHE A 329 19.62 12.41 40.76
C PHE A 329 19.45 13.85 41.24
N VAL A 330 19.41 14.80 40.30
CA VAL A 330 19.28 16.20 40.69
C VAL A 330 17.94 16.46 41.35
N ALA A 331 16.88 15.82 40.87
CA ALA A 331 15.58 15.94 41.52
C ALA A 331 15.48 15.11 42.79
N GLY A 332 16.41 14.18 43.01
CA GLY A 332 16.40 13.41 44.24
C GLY A 332 16.93 14.17 45.42
N ARG A 333 17.67 15.25 45.17
CA ARG A 333 18.16 16.08 46.27
C ARG A 333 17.02 16.85 46.92
N GLU A 334 16.22 17.55 46.12
CA GLU A 334 15.16 18.40 46.64
C GLU A 334 13.96 17.61 47.15
N GLY A 335 14.07 16.30 47.27
CA GLY A 335 12.97 15.50 47.79
C GLY A 335 11.72 15.56 46.94
N HIS A 336 11.87 15.82 45.64
CA HIS A 336 10.75 15.83 44.71
C HIS A 336 10.44 14.42 44.22
N MET A 337 11.44 13.74 43.66
CA MET A 337 11.25 12.35 43.28
C MET A 337 11.91 11.43 44.30
N LEU A 338 11.45 10.18 44.33
CA LEU A 338 11.91 9.22 45.32
C LEU A 338 13.41 9.00 45.18
N LYS A 339 14.11 8.98 46.33
CA LYS A 339 15.56 8.89 46.32
C LYS A 339 16.06 7.50 45.98
N VAL A 340 15.21 6.47 46.05
CA VAL A 340 15.66 5.12 45.75
C VAL A 340 16.00 4.98 44.29
N LEU A 341 15.39 5.80 43.43
CA LEU A 341 15.58 5.67 42.00
C LEU A 341 17.01 6.02 41.59
N SER A 342 17.69 6.85 42.39
CA SER A 342 19.05 7.23 42.06
C SER A 342 20.09 6.25 42.60
N TYR A 343 19.67 5.17 43.25
CA TYR A 343 20.62 4.24 43.83
C TYR A 343 21.33 3.45 42.74
N ILE A 344 22.61 3.17 42.97
CA ILE A 344 23.44 2.47 42.00
C ILE A 344 23.72 1.06 42.52
N SER A 345 23.77 0.11 41.60
CA SER A 345 24.13 -1.25 41.97
C SER A 345 25.64 -1.36 42.18
N VAL A 346 26.04 -2.27 43.07
CA VAL A 346 27.44 -2.32 43.49
C VAL A 346 28.26 -3.14 42.52
N LYS A 347 27.75 -4.30 42.10
CA LYS A 347 28.51 -5.16 41.19
C LYS A 347 28.83 -4.43 39.89
N ARG A 348 27.84 -3.72 39.35
CA ARG A 348 28.02 -2.91 38.15
C ARG A 348 27.47 -1.53 38.44
N LEU A 349 28.28 -0.50 38.21
CA LEU A 349 27.86 0.87 38.50
C LEU A 349 26.92 1.34 37.40
N THR A 350 25.65 0.93 37.50
CA THR A 350 24.62 1.25 36.53
C THR A 350 23.36 1.57 37.33
N PRO A 351 22.64 2.63 36.98
CA PRO A 351 21.39 2.97 37.71
C PRO A 351 20.27 1.97 37.44
N ALA A 352 20.40 0.79 38.06
CA ALA A 352 19.45 -0.28 37.79
C ALA A 352 18.00 0.07 38.12
N PRO A 353 17.66 0.64 39.28
CA PRO A 353 16.25 0.95 39.52
C PRO A 353 15.72 2.04 38.60
N ALA A 354 16.59 2.95 38.15
CA ALA A 354 16.14 3.99 37.23
C ALA A 354 15.83 3.40 35.85
N ILE A 355 16.64 2.46 35.40
CA ILE A 355 16.46 1.90 34.06
C ILE A 355 15.25 1.00 34.01
N MET A 356 15.21 -0.01 34.89
CA MET A 356 14.13 -1.00 34.82
C MET A 356 12.78 -0.39 35.15
N PHE A 357 12.75 0.81 35.73
CA PHE A 357 11.50 1.55 35.86
C PHE A 357 11.25 2.43 34.65
N HIS A 358 12.31 2.85 33.97
CA HIS A 358 12.15 3.68 32.79
C HIS A 358 11.62 2.88 31.62
N SER A 359 12.00 1.61 31.54
CA SER A 359 11.53 0.75 30.44
C SER A 359 10.17 0.15 30.76
N MET A 360 9.89 -0.15 32.03
CA MET A 360 8.62 -0.77 32.37
C MET A 360 7.45 0.15 32.08
N ILE A 361 7.68 1.46 32.07
CA ILE A 361 6.62 2.37 31.66
C ILE A 361 6.50 2.39 30.15
N ALA A 362 7.59 2.16 29.43
CA ALA A 362 7.53 2.15 27.97
C ALA A 362 6.74 0.96 27.46
N ILE A 363 6.90 -0.21 28.08
CA ILE A 363 6.14 -1.39 27.69
C ILE A 363 4.65 -1.11 27.77
N ILE A 364 4.23 -0.30 28.76
CA ILE A 364 2.82 0.04 28.89
C ILE A 364 2.41 1.09 27.87
N TYR A 365 3.35 1.66 27.13
CA TYR A 365 3.01 2.65 26.12
C TYR A 365 2.90 2.06 24.72
N ILE A 366 3.71 1.05 24.38
CA ILE A 366 3.62 0.47 23.05
C ILE A 366 2.37 -0.38 22.91
N ILE A 367 1.79 -0.83 24.02
CA ILE A 367 0.59 -1.66 23.94
C ILE A 367 -0.61 -0.89 23.38
N PRO A 368 -1.09 0.20 24.01
CA PRO A 368 -2.26 0.89 23.46
C PRO A 368 -1.99 1.62 22.16
N GLY A 369 -0.96 2.46 22.13
CA GLY A 369 -0.79 3.38 21.04
C GLY A 369 0.22 2.93 20.01
N ASP A 370 0.25 3.65 18.89
CA ASP A 370 1.22 3.44 17.83
C ASP A 370 1.98 4.74 17.60
N ILE A 371 2.88 4.72 16.61
CA ILE A 371 3.84 5.81 16.43
C ILE A 371 3.14 7.16 16.30
N ASN A 372 2.08 7.22 15.51
CA ASN A 372 1.47 8.52 15.24
C ASN A 372 0.69 9.04 16.44
N SER A 373 0.09 8.16 17.22
CA SER A 373 -0.62 8.57 18.42
C SER A 373 0.31 8.81 19.60
N LEU A 374 1.60 8.51 19.46
CA LEU A 374 2.59 8.78 20.50
C LEU A 374 3.44 10.01 20.20
N VAL A 375 3.70 10.30 18.92
CA VAL A 375 4.41 11.54 18.59
C VAL A 375 3.56 12.74 18.97
N ASN A 376 2.25 12.63 18.83
CA ASN A 376 1.37 13.69 19.31
C ASN A 376 1.36 13.76 20.83
N TYR A 377 1.24 12.59 21.48
CA TYR A 377 1.23 12.55 22.94
C TYR A 377 2.55 13.04 23.52
N PHE A 378 3.66 12.71 22.86
CA PHE A 378 4.96 13.15 23.35
C PHE A 378 5.17 14.64 23.09
N SER A 379 5.02 15.06 21.83
CA SER A 379 5.33 16.44 21.48
C SER A 379 4.32 17.41 22.07
N PHE A 380 3.27 16.91 22.71
CA PHE A 380 2.35 17.79 23.42
C PHE A 380 2.91 18.16 24.79
N ALA A 381 3.16 17.16 25.64
CA ALA A 381 3.66 17.43 26.97
C ALA A 381 5.04 18.06 26.93
N ALA A 382 5.89 17.62 25.99
CA ALA A 382 7.25 18.13 25.92
C ALA A 382 7.26 19.61 25.55
N TRP A 383 6.25 20.07 24.82
CA TRP A 383 6.31 21.43 24.29
C TRP A 383 5.69 22.46 25.22
N LEU A 384 4.90 22.04 26.21
CA LEU A 384 4.46 23.00 27.21
C LEU A 384 5.58 23.31 28.19
N PHE A 385 6.38 22.29 28.53
CA PHE A 385 7.52 22.53 29.41
C PHE A 385 8.66 23.20 28.66
N TYR A 386 8.73 22.99 27.34
CA TYR A 386 9.68 23.75 26.53
C TYR A 386 9.30 25.22 26.51
N GLY A 387 8.00 25.52 26.59
CA GLY A 387 7.58 26.90 26.63
C GLY A 387 7.83 27.54 27.98
N LEU A 388 7.37 26.88 29.05
CA LEU A 388 7.55 27.42 30.40
C LEU A 388 9.01 27.73 30.69
N THR A 389 9.92 27.01 30.06
CA THR A 389 11.34 27.24 30.30
C THR A 389 11.80 28.57 29.71
N ILE A 390 11.50 28.81 28.44
CA ILE A 390 12.06 29.99 27.78
C ILE A 390 11.24 31.24 28.09
N THR A 391 10.02 31.07 28.61
CA THR A 391 9.34 32.20 29.24
C THR A 391 10.02 32.57 30.55
N GLY A 392 10.42 31.56 31.32
CA GLY A 392 11.25 31.82 32.48
C GLY A 392 12.57 32.47 32.12
N LEU A 393 13.02 32.28 30.88
CA LEU A 393 14.23 32.97 30.42
C LEU A 393 14.02 34.47 30.43
N ILE A 394 12.93 34.95 29.81
CA ILE A 394 12.71 36.39 29.76
C ILE A 394 12.21 36.90 31.11
N VAL A 395 11.35 36.14 31.77
CA VAL A 395 10.79 36.57 33.06
C VAL A 395 11.92 36.82 34.05
N MET A 396 12.89 35.91 34.11
CA MET A 396 14.08 36.16 34.93
C MET A 396 14.91 37.31 34.37
N ARG A 397 14.96 37.45 33.05
CA ARG A 397 15.73 38.54 32.45
C ARG A 397 14.98 39.86 32.53
N PHE A 398 13.64 39.79 32.64
CA PHE A 398 12.85 41.01 32.65
C PHE A 398 12.79 41.64 34.03
N THR A 399 12.39 40.88 35.05
CA THR A 399 12.18 41.47 36.36
C THR A 399 13.05 40.87 37.47
N ARG A 400 13.00 39.55 37.64
CA ARG A 400 13.40 38.97 38.91
C ARG A 400 14.92 38.90 39.06
N LYS A 401 15.62 38.44 38.02
CA LYS A 401 17.06 38.19 38.14
C LYS A 401 17.85 39.26 37.40
N GLU A 402 18.86 39.79 38.10
CA GLU A 402 19.76 40.77 37.50
C GLU A 402 21.20 40.28 37.48
N LEU A 403 21.44 38.98 37.65
CA LEU A 403 22.80 38.45 37.60
C LEU A 403 23.37 38.57 36.19
N LYS A 404 24.69 38.44 36.08
CA LYS A 404 25.33 38.57 34.78
C LYS A 404 25.14 37.30 33.96
N ARG A 405 24.91 37.48 32.67
CA ARG A 405 24.76 36.38 31.72
C ARG A 405 25.89 36.46 30.70
N PRO A 406 26.71 35.42 30.56
CA PRO A 406 27.89 35.54 29.68
C PRO A 406 27.52 35.82 28.23
N ILE A 407 26.72 34.97 27.62
CA ILE A 407 26.23 35.17 26.26
C ILE A 407 24.78 35.62 26.35
N LYS A 408 24.42 36.64 25.58
CA LYS A 408 23.08 37.19 25.57
C LYS A 408 22.48 37.06 24.17
N VAL A 409 21.23 36.62 24.13
CA VAL A 409 20.52 36.49 22.86
C VAL A 409 19.62 37.72 22.70
N PRO A 410 19.34 38.16 21.47
CA PRO A 410 18.40 39.26 21.31
C PRO A 410 17.03 38.92 21.90
N ILE A 411 16.24 39.96 22.15
CA ILE A 411 14.97 39.78 22.85
C ILE A 411 13.92 39.18 21.93
N PHE A 412 14.16 39.20 20.62
CA PHE A 412 13.09 38.83 19.69
C PHE A 412 13.07 37.32 19.44
N ILE A 413 14.15 36.61 19.75
CA ILE A 413 14.16 35.15 19.54
C ILE A 413 13.40 34.40 20.63
N PRO A 414 13.44 34.80 21.91
CA PRO A 414 12.65 34.04 22.89
C PRO A 414 11.16 34.30 22.79
N ILE A 415 10.77 35.54 22.50
CA ILE A 415 9.34 35.85 22.39
C ILE A 415 8.72 35.11 21.23
N LEU A 416 9.54 34.70 20.25
CA LEU A 416 9.03 33.91 19.14
C LEU A 416 8.84 32.46 19.55
N VAL A 417 9.81 31.91 20.30
CA VAL A 417 9.74 30.51 20.70
C VAL A 417 8.56 30.28 21.63
N THR A 418 8.23 31.26 22.47
CA THR A 418 7.07 31.10 23.35
C THR A 418 5.76 31.30 22.59
N LEU A 419 5.72 32.28 21.69
CA LEU A 419 4.51 32.49 20.90
C LEU A 419 4.29 31.35 19.91
N LEU A 420 5.37 30.70 19.49
CA LEU A 420 5.22 29.52 18.65
C LEU A 420 4.76 28.33 19.47
N SER A 421 5.40 28.09 20.62
CA SER A 421 5.05 26.92 21.42
C SER A 421 3.65 27.05 22.03
N VAL A 422 3.19 28.28 22.29
CA VAL A 422 1.83 28.44 22.78
C VAL A 422 0.84 28.10 21.69
N PHE A 423 1.24 28.26 20.42
CA PHE A 423 0.41 27.80 19.32
C PHE A 423 0.50 26.29 19.18
N LEU A 424 1.66 25.72 19.48
CA LEU A 424 1.85 24.28 19.30
C LEU A 424 1.14 23.48 20.37
N VAL A 425 0.99 24.03 21.56
CA VAL A 425 0.40 23.27 22.65
C VAL A 425 -1.12 23.39 22.63
N LEU A 426 -1.63 24.51 22.11
CA LEU A 426 -3.03 24.86 22.29
C LEU A 426 -3.88 24.69 21.03
N ALA A 427 -3.28 24.77 19.85
CA ALA A 427 -4.07 24.56 18.64
C ALA A 427 -4.46 23.10 18.42
N PRO A 428 -3.58 22.11 18.59
CA PRO A 428 -4.00 20.72 18.35
C PRO A 428 -5.17 20.27 19.22
N ILE A 429 -5.25 20.74 20.46
CA ILE A 429 -6.27 20.22 21.38
C ILE A 429 -7.64 20.74 20.98
N ILE A 430 -7.72 21.99 20.53
CA ILE A 430 -9.02 22.58 20.23
C ILE A 430 -9.47 22.18 18.82
N SER A 431 -8.55 22.18 17.86
CA SER A 431 -8.94 21.96 16.47
C SER A 431 -9.04 20.49 16.15
N ALA A 432 -8.05 19.70 16.54
CA ALA A 432 -8.03 18.25 16.28
C ALA A 432 -7.95 17.52 17.61
N PRO A 433 -9.03 17.53 18.40
CA PRO A 433 -9.00 16.87 19.70
C PRO A 433 -8.88 15.37 19.56
N ALA A 434 -8.18 14.75 20.50
CA ALA A 434 -7.99 13.31 20.49
C ALA A 434 -7.95 12.81 21.92
N TRP A 435 -8.08 11.50 22.06
CA TRP A 435 -8.04 10.90 23.40
C TRP A 435 -6.62 10.83 23.95
N GLU A 436 -5.61 11.06 23.11
CA GLU A 436 -4.23 11.03 23.58
C GLU A 436 -3.92 12.23 24.47
N TYR A 437 -4.51 13.39 24.16
CA TYR A 437 -4.26 14.58 24.97
C TYR A 437 -4.86 14.45 26.36
N LEU A 438 -6.05 13.84 26.46
CA LEU A 438 -6.68 13.68 27.77
C LEU A 438 -5.78 12.91 28.72
N TYR A 439 -5.26 11.76 28.28
CA TYR A 439 -4.41 10.97 29.15
C TYR A 439 -3.11 11.70 29.48
N CYS A 440 -2.73 12.68 28.67
CA CYS A 440 -1.54 13.46 28.97
C CYS A 440 -1.81 14.50 30.05
N VAL A 441 -2.97 15.15 29.98
CA VAL A 441 -3.30 16.16 31.00
C VAL A 441 -3.62 15.49 32.32
N LEU A 442 -4.22 14.30 32.28
CA LEU A 442 -4.52 13.61 33.53
C LEU A 442 -3.27 13.13 34.24
N PHE A 443 -2.17 12.97 33.51
CA PHE A 443 -0.92 12.50 34.13
C PHE A 443 -0.26 13.59 34.94
N MET A 444 -0.16 14.80 34.39
CA MET A 444 0.51 15.88 35.12
C MET A 444 -0.29 16.30 36.35
N LEU A 445 -1.60 16.47 36.20
CA LEU A 445 -2.42 16.84 37.35
C LEU A 445 -2.38 15.76 38.42
N SER A 446 -2.24 14.49 38.01
CA SER A 446 -2.05 13.43 39.00
C SER A 446 -0.75 13.64 39.78
N GLY A 447 0.29 14.13 39.12
CA GLY A 447 1.50 14.50 39.83
C GLY A 447 1.29 15.72 40.71
N LEU A 448 0.45 16.64 40.26
CA LEU A 448 0.11 17.80 41.09
C LEU A 448 -0.57 17.37 42.38
N VAL A 449 -1.32 16.27 42.33
CA VAL A 449 -1.93 15.73 43.53
C VAL A 449 -0.85 15.13 44.44
N PHE A 450 0.14 14.48 43.83
CA PHE A 450 1.23 13.90 44.60
C PHE A 450 2.11 14.98 45.23
N TYR A 451 2.00 16.23 44.77
CA TYR A 451 2.78 17.30 45.36
C TYR A 451 2.31 17.62 46.77
N PHE A 452 1.02 17.92 46.92
CA PHE A 452 0.51 18.35 48.22
C PHE A 452 0.44 17.19 49.21
N LEU A 453 0.04 16.01 48.75
CA LEU A 453 -0.19 14.91 49.67
C LEU A 453 1.10 14.17 50.02
N PHE A 454 2.21 14.50 49.38
CA PHE A 454 3.44 13.77 49.65
C PHE A 454 4.64 14.63 49.99
N VAL A 455 4.82 15.79 49.35
CA VAL A 455 6.03 16.57 49.59
C VAL A 455 5.69 17.92 50.21
N HIS A 456 4.51 18.46 49.90
CA HIS A 456 4.18 19.80 50.38
C HIS A 456 3.69 19.78 51.82
N TYR A 457 2.82 18.82 52.15
CA TYR A 457 2.28 18.73 53.50
C TYR A 457 3.09 17.82 54.42
N LYS A 458 3.76 16.81 53.88
CA LYS A 458 4.58 15.89 54.67
C LYS A 458 3.75 15.26 55.80
N PHE A 459 2.76 14.46 55.39
CA PHE A 459 1.94 13.75 56.35
C PHE A 459 2.77 12.75 57.14
N GLY A 460 2.29 12.38 58.32
CA GLY A 460 3.02 11.45 59.15
C GLY A 460 3.02 10.04 58.57
N TRP A 461 1.84 9.54 58.22
CA TRP A 461 1.75 8.20 57.65
C TRP A 461 2.41 8.13 56.28
N ALA A 462 2.55 9.26 55.60
CA ALA A 462 3.20 9.28 54.29
C ALA A 462 4.64 8.80 54.39
N GLN A 463 5.29 9.01 55.53
CA GLN A 463 6.68 8.59 55.67
C GLN A 463 6.78 7.08 55.78
N LYS A 464 5.88 6.46 56.55
CA LYS A 464 6.02 5.04 56.85
C LYS A 464 5.64 4.18 55.66
N ILE A 465 5.22 4.80 54.56
CA ILE A 465 5.02 4.05 53.33
C ILE A 465 6.28 4.11 52.47
N SER A 466 7.15 5.09 52.74
CA SER A 466 8.35 5.25 51.94
C SER A 466 9.51 4.45 52.51
N LYS A 467 9.81 4.66 53.79
CA LYS A 467 10.99 4.03 54.40
C LYS A 467 11.05 2.52 54.22
N PRO A 468 9.99 1.75 54.51
CA PRO A 468 10.09 0.31 54.29
C PRO A 468 10.16 -0.07 52.82
N LEU A 469 9.74 0.84 51.93
CA LEU A 469 9.76 0.54 50.50
C LEU A 469 11.18 0.62 49.93
N THR A 470 11.91 1.67 50.27
CA THR A 470 13.18 1.93 49.58
C THR A 470 14.22 0.85 49.88
N MET A 471 14.39 0.49 51.15
CA MET A 471 15.49 -0.42 51.48
C MET A 471 15.15 -1.86 51.12
N HIS A 472 13.87 -2.23 51.21
CA HIS A 472 13.46 -3.53 50.69
C HIS A 472 13.79 -3.65 49.21
N LEU A 473 13.46 -2.61 48.43
CA LEU A 473 13.91 -2.54 47.04
C LEU A 473 15.43 -2.62 46.96
N GLN A 474 16.11 -1.87 47.83
CA GLN A 474 17.57 -1.97 47.94
C GLN A 474 17.98 -3.38 48.34
N MET A 475 17.21 -4.00 49.23
CA MET A 475 17.50 -5.37 49.65
C MET A 475 17.38 -6.34 48.48
N LEU A 476 16.35 -6.16 47.65
CA LEU A 476 16.09 -7.10 46.58
C LEU A 476 17.02 -6.88 45.39
N MET A 477 17.32 -5.61 45.07
CA MET A 477 18.07 -5.29 43.88
C MET A 477 19.52 -4.89 44.16
N GLU A 478 20.00 -5.08 45.39
CA GLU A 478 21.40 -4.84 45.79
C GLU A 478 21.97 -3.53 45.25
N VAL A 479 21.17 -2.46 45.29
CA VAL A 479 21.59 -1.15 44.82
C VAL A 479 21.98 -0.30 46.02
N VAL A 480 22.78 0.74 45.77
CA VAL A 480 23.38 1.54 46.84
C VAL A 480 23.30 3.01 46.42
N PRO A 481 23.04 3.90 47.38
CA PRO A 481 23.08 5.34 47.08
C PRO A 481 24.39 5.73 46.45
N PRO A 482 24.38 6.70 45.52
CA PRO A 482 25.59 6.98 44.75
C PRO A 482 26.74 7.52 45.59
N GLU A 483 26.49 8.54 46.40
CA GLU A 483 27.55 9.12 47.22
C GLU A 483 27.10 9.23 48.68
N ARG B 64 18.74 -2.55 62.26
CA ARG B 64 19.68 -3.03 61.25
C ARG B 64 19.36 -2.58 59.82
N PRO B 65 18.09 -2.53 59.40
CA PRO B 65 17.81 -2.03 58.05
C PRO B 65 18.33 -0.63 57.79
N TYR B 66 17.86 0.37 58.55
CA TYR B 66 18.35 1.76 58.46
C TYR B 66 18.48 2.20 57.01
N ALA B 67 17.30 2.39 56.39
CA ALA B 67 17.03 2.37 54.93
C ALA B 67 18.22 2.90 54.13
N GLY B 68 18.83 4.03 54.51
CA GLY B 68 20.03 4.44 53.82
C GLY B 68 21.19 3.51 54.13
N MET B 69 21.59 2.68 53.18
CA MET B 69 22.52 1.57 53.44
C MET B 69 23.65 1.56 52.42
N PRO B 70 24.87 1.84 52.86
CA PRO B 70 26.02 1.73 51.95
C PRO B 70 26.35 0.29 51.62
N LYS B 71 27.47 0.11 50.90
CA LYS B 71 27.89 -1.18 50.35
C LYS B 71 28.01 -2.30 51.38
N GLU B 72 28.86 -2.10 52.38
CA GLU B 72 29.30 -3.19 53.25
C GLU B 72 28.18 -3.74 54.13
N VAL B 73 27.22 -2.89 54.51
CA VAL B 73 26.20 -3.34 55.45
C VAL B 73 25.19 -4.25 54.78
N LEU B 74 24.68 -3.87 53.62
CA LEU B 74 23.59 -4.63 53.01
C LEU B 74 24.07 -5.96 52.45
N PHE B 75 25.38 -6.11 52.23
CA PHE B 75 25.89 -7.39 51.75
C PHE B 75 25.64 -8.49 52.78
N GLN B 76 25.38 -8.11 54.03
CA GLN B 76 24.98 -9.09 55.03
C GLN B 76 23.58 -9.61 54.73
N PHE B 77 22.63 -8.70 54.50
CA PHE B 77 21.24 -9.09 54.30
C PHE B 77 21.03 -9.69 52.92
N SER B 78 21.51 -9.01 51.88
CA SER B 78 21.21 -9.40 50.50
C SER B 78 21.92 -10.67 50.08
N GLY B 79 22.58 -11.37 51.01
CA GLY B 79 23.33 -12.56 50.64
C GLY B 79 22.45 -13.67 50.10
N GLN B 80 21.63 -14.27 50.95
CA GLN B 80 20.79 -15.39 50.53
C GLN B 80 19.37 -15.29 51.05
N ALA B 81 19.19 -14.63 52.20
CA ALA B 81 18.10 -14.89 53.13
C ALA B 81 16.76 -15.20 52.46
N ARG B 82 16.18 -14.22 51.78
CA ARG B 82 15.02 -14.51 50.93
C ARG B 82 15.11 -13.77 49.60
N TYR B 83 15.92 -12.71 49.55
CA TYR B 83 15.88 -11.80 48.42
C TYR B 83 16.90 -12.17 47.35
N ARG B 84 17.55 -13.32 47.50
CA ARG B 84 18.54 -13.72 46.49
C ARG B 84 17.90 -14.49 45.35
N ILE B 85 17.03 -15.46 45.66
CA ILE B 85 16.44 -16.28 44.60
C ILE B 85 15.49 -15.49 43.69
N PRO B 86 14.80 -14.43 44.17
CA PRO B 86 14.00 -13.64 43.21
C PRO B 86 14.86 -12.90 42.20
N ARG B 87 16.07 -12.49 42.57
CA ARG B 87 16.90 -11.71 41.67
C ARG B 87 17.26 -12.50 40.42
N GLU B 88 17.81 -13.71 40.60
CA GLU B 88 18.23 -14.48 39.43
C GLU B 88 17.04 -15.10 38.71
N VAL B 89 15.94 -15.35 39.42
CA VAL B 89 14.77 -15.90 38.75
C VAL B 89 14.04 -14.83 37.97
N LEU B 90 14.18 -13.57 38.36
CA LEU B 90 13.60 -12.48 37.58
C LEU B 90 14.55 -12.02 36.49
N PHE B 91 15.85 -12.13 36.73
CA PHE B 91 16.81 -11.79 35.67
C PHE B 91 16.79 -12.83 34.57
N TRP B 92 16.57 -14.09 34.91
CA TRP B 92 16.52 -15.12 33.88
C TRP B 92 15.14 -15.15 33.22
N LEU B 93 14.14 -14.56 33.88
CA LEU B 93 12.83 -14.45 33.24
C LEU B 93 12.86 -13.43 32.11
N THR B 94 13.48 -12.28 32.32
CA THR B 94 13.54 -11.27 31.28
C THR B 94 14.43 -11.71 30.12
N VAL B 95 15.41 -12.58 30.42
CA VAL B 95 16.24 -13.12 29.35
C VAL B 95 15.50 -14.19 28.57
N ALA B 96 14.76 -15.06 29.26
CA ALA B 96 13.97 -16.07 28.56
C ALA B 96 12.90 -15.43 27.71
N SER B 97 12.38 -14.27 28.14
CA SER B 97 11.31 -13.63 27.39
C SER B 97 11.85 -12.90 26.17
N VAL B 98 13.01 -12.25 26.30
CA VAL B 98 13.59 -11.53 25.18
C VAL B 98 13.85 -12.45 24.00
N LEU B 99 14.35 -13.66 24.26
CA LEU B 99 14.51 -14.64 23.18
C LEU B 99 13.25 -15.45 22.92
N LEU B 100 12.16 -15.18 23.64
CA LEU B 100 10.87 -15.74 23.29
C LEU B 100 9.94 -14.73 22.65
N LEU B 101 10.34 -13.46 22.60
CA LEU B 101 9.62 -12.50 21.76
C LEU B 101 10.26 -12.36 20.39
N ILE B 102 11.59 -12.46 20.30
CA ILE B 102 12.21 -12.49 18.98
C ILE B 102 12.01 -13.86 18.34
N ALA B 103 11.64 -14.87 19.15
CA ALA B 103 11.27 -16.16 18.57
C ALA B 103 9.81 -16.17 18.15
N ALA B 104 8.96 -15.44 18.87
CA ALA B 104 7.55 -15.41 18.51
C ALA B 104 7.32 -14.56 17.26
N THR B 105 8.09 -13.49 17.08
CA THR B 105 7.90 -12.66 15.90
C THR B 105 8.40 -13.36 14.64
N ILE B 106 9.46 -14.16 14.77
CA ILE B 106 9.89 -14.96 13.63
C ILE B 106 8.86 -16.03 13.31
N ALA B 107 8.21 -16.59 14.32
CA ALA B 107 7.18 -17.58 14.07
C ALA B 107 5.91 -16.99 13.50
N ILE B 108 5.70 -15.68 13.63
CA ILE B 108 4.54 -15.05 13.03
C ILE B 108 4.84 -14.54 11.62
N ILE B 109 6.06 -14.04 11.39
CA ILE B 109 6.45 -13.65 10.04
C ILE B 109 6.53 -14.85 9.11
N ALA B 110 6.87 -16.02 9.64
CA ALA B 110 7.01 -17.20 8.77
C ALA B 110 5.66 -17.79 8.40
N ILE B 111 4.74 -17.91 9.36
CA ILE B 111 3.44 -18.53 9.09
C ILE B 111 2.45 -17.57 8.46
N SER B 112 2.77 -16.30 8.34
CA SER B 112 1.85 -15.35 7.72
C SER B 112 1.89 -15.53 6.21
N PRO B 113 0.74 -15.62 5.55
CA PRO B 113 0.76 -15.86 4.10
C PRO B 113 0.91 -14.57 3.32
N LYS B 114 1.43 -14.70 2.11
CA LYS B 114 1.67 -13.54 1.26
C LYS B 114 0.37 -12.81 0.98
N CYS B 115 0.44 -11.47 1.05
CA CYS B 115 -0.74 -10.67 0.79
C CYS B 115 -1.05 -10.63 -0.70
N LEU B 116 -2.32 -10.33 -1.00
CA LEU B 116 -2.82 -10.39 -2.36
C LEU B 116 -2.27 -9.24 -3.18
N ASP B 117 -1.85 -9.53 -4.41
CA ASP B 117 -1.34 -8.51 -5.30
C ASP B 117 -2.47 -7.59 -5.74
N TRP B 118 -2.10 -6.58 -6.53
CA TRP B 118 -3.10 -5.58 -6.92
C TRP B 118 -4.08 -6.12 -7.94
N TRP B 119 -3.71 -7.17 -8.66
CA TRP B 119 -4.60 -7.76 -9.65
C TRP B 119 -5.48 -8.85 -9.06
N GLN B 120 -5.22 -9.29 -7.83
CA GLN B 120 -6.09 -10.21 -7.13
C GLN B 120 -7.00 -9.51 -6.13
N ALA B 121 -6.74 -8.25 -5.82
CA ALA B 121 -7.39 -7.57 -4.71
C ALA B 121 -8.70 -6.91 -5.08
N GLY B 122 -8.81 -6.32 -6.27
CA GLY B 122 -9.98 -5.57 -6.63
C GLY B 122 -10.41 -5.76 -8.06
N PRO B 123 -11.62 -5.31 -8.38
CA PRO B 123 -12.15 -5.50 -9.73
C PRO B 123 -11.42 -4.67 -10.77
N MET B 124 -11.43 -5.16 -12.00
CA MET B 124 -10.95 -4.42 -13.15
C MET B 124 -12.14 -3.76 -13.85
N TYR B 125 -11.85 -2.77 -14.66
CA TYR B 125 -12.88 -1.99 -15.33
C TYR B 125 -12.42 -1.75 -16.76
N GLN B 126 -13.03 -2.46 -17.70
CA GLN B 126 -12.59 -2.43 -19.09
C GLN B 126 -13.25 -1.27 -19.82
N ILE B 127 -12.45 -0.35 -20.33
CA ILE B 127 -12.91 0.86 -21.00
C ILE B 127 -12.64 0.74 -22.48
N TYR B 128 -13.63 1.09 -23.30
CA TYR B 128 -13.43 1.27 -24.73
C TYR B 128 -13.16 2.74 -24.96
N PRO B 129 -11.92 3.14 -25.26
CA PRO B 129 -11.54 4.55 -25.14
C PRO B 129 -12.26 5.48 -26.10
N ARG B 130 -12.77 4.97 -27.21
CA ARG B 130 -13.46 5.82 -28.18
C ARG B 130 -14.91 6.07 -27.81
N SER B 131 -15.37 5.60 -26.65
CA SER B 131 -16.77 5.72 -26.29
C SER B 131 -16.98 6.08 -24.83
N PHE B 132 -15.96 6.57 -24.14
CA PHE B 132 -16.12 6.85 -22.73
C PHE B 132 -16.49 8.30 -22.47
N ARG B 133 -15.65 9.23 -22.90
CA ARG B 133 -15.90 10.64 -22.63
C ARG B 133 -15.13 11.47 -23.65
N ASP B 134 -15.84 12.31 -24.37
CA ASP B 134 -15.25 13.15 -25.41
C ASP B 134 -14.96 14.52 -24.83
N SER B 135 -13.74 15.00 -25.05
CA SER B 135 -13.31 16.28 -24.51
C SER B 135 -13.39 17.43 -25.50
N ASN B 136 -12.83 17.26 -26.70
CA ASN B 136 -12.74 18.37 -27.65
C ASN B 136 -13.85 18.40 -28.69
N LYS B 137 -15.02 17.84 -28.38
CA LYS B 137 -16.22 18.01 -29.20
C LYS B 137 -16.06 17.47 -30.62
N ASP B 138 -15.10 16.59 -30.86
CA ASP B 138 -14.95 16.01 -32.18
C ASP B 138 -15.83 14.78 -32.41
N GLY B 139 -16.50 14.28 -31.38
CA GLY B 139 -17.37 13.14 -31.51
C GLY B 139 -16.76 11.80 -31.18
N ASP B 140 -15.47 11.75 -30.88
CA ASP B 140 -14.78 10.53 -30.50
C ASP B 140 -14.15 10.72 -29.13
N GLY B 141 -14.41 9.80 -28.22
CA GLY B 141 -13.75 9.85 -26.93
C GLY B 141 -12.24 9.78 -27.06
N ASP B 142 -11.56 10.24 -26.03
CA ASP B 142 -10.10 10.27 -26.07
C ASP B 142 -9.54 10.13 -24.67
N LEU B 143 -8.21 10.13 -24.59
CA LEU B 143 -7.53 9.88 -23.32
C LEU B 143 -7.65 11.06 -22.37
N LYS B 144 -7.97 12.25 -22.88
CA LYS B 144 -8.23 13.37 -22.00
C LYS B 144 -9.58 13.23 -21.32
N GLY B 145 -10.55 12.61 -22.00
CA GLY B 145 -11.85 12.40 -21.38
C GLY B 145 -11.88 11.27 -20.39
N ILE B 146 -10.99 10.28 -20.56
CA ILE B 146 -10.87 9.23 -19.55
C ILE B 146 -10.29 9.80 -18.27
N GLN B 147 -9.39 10.77 -18.38
CA GLN B 147 -8.76 11.35 -17.20
C GLN B 147 -9.72 12.25 -16.44
N ASP B 148 -10.68 12.88 -17.14
CA ASP B 148 -11.65 13.72 -16.45
C ASP B 148 -12.57 12.91 -15.55
N LYS B 149 -12.85 11.67 -15.92
CA LYS B 149 -13.84 10.85 -15.23
C LYS B 149 -13.22 9.89 -14.23
N LEU B 150 -11.95 10.10 -13.87
CA LEU B 150 -11.30 9.18 -12.95
C LEU B 150 -11.88 9.25 -11.55
N ASP B 151 -12.56 10.35 -11.22
CA ASP B 151 -13.18 10.45 -9.91
C ASP B 151 -14.50 9.69 -9.87
N TYR B 152 -15.12 9.46 -11.03
CA TYR B 152 -16.26 8.57 -11.07
C TYR B 152 -15.84 7.12 -10.93
N ILE B 153 -14.69 6.76 -11.48
CA ILE B 153 -14.22 5.38 -11.41
C ILE B 153 -13.85 5.00 -9.98
N THR B 154 -13.40 5.94 -9.18
CA THR B 154 -13.05 5.62 -7.80
C THR B 154 -14.25 5.60 -6.85
N THR B 155 -15.44 5.96 -7.32
CA THR B 155 -16.62 5.73 -6.49
C THR B 155 -17.18 4.33 -6.68
N LEU B 156 -16.65 3.57 -7.63
CA LEU B 156 -16.98 2.15 -7.78
C LEU B 156 -15.99 1.25 -7.07
N ASN B 157 -14.96 1.82 -6.45
CA ASN B 157 -13.90 1.06 -5.76
C ASN B 157 -13.14 0.17 -6.73
N ILE B 158 -12.96 0.64 -7.95
CA ILE B 158 -12.15 -0.06 -8.95
C ILE B 158 -10.69 0.04 -8.57
N LYS B 159 -9.93 -1.02 -8.86
CA LYS B 159 -8.49 -1.04 -8.60
C LYS B 159 -7.68 -0.94 -9.88
N THR B 160 -8.19 -1.45 -10.99
CA THR B 160 -7.48 -1.48 -12.26
C THR B 160 -8.36 -0.95 -13.37
N VAL B 161 -7.79 -0.10 -14.21
CA VAL B 161 -8.48 0.44 -15.37
C VAL B 161 -7.85 -0.15 -16.61
N TRP B 162 -8.59 -0.99 -17.32
CA TRP B 162 -8.09 -1.72 -18.47
C TRP B 162 -8.59 -1.02 -19.73
N ILE B 163 -7.68 -0.41 -20.47
CA ILE B 163 -8.02 0.35 -21.67
C ILE B 163 -7.68 -0.50 -22.87
N THR B 164 -8.65 -0.73 -23.74
CA THR B 164 -8.37 -1.49 -24.94
C THR B 164 -7.49 -0.68 -25.90
N SER B 165 -7.19 -1.28 -27.05
CA SER B 165 -6.09 -0.81 -27.88
C SER B 165 -6.34 0.58 -28.44
N PHE B 166 -5.32 1.44 -28.33
CA PHE B 166 -5.38 2.81 -28.83
C PHE B 166 -4.22 3.15 -29.76
N TYR B 167 -3.45 2.17 -30.22
CA TYR B 167 -2.28 2.45 -31.03
C TYR B 167 -2.68 3.06 -32.37
N LYS B 168 -1.70 3.61 -33.06
CA LYS B 168 -1.94 4.22 -34.36
C LYS B 168 -2.32 3.14 -35.36
N SER B 169 -3.61 3.08 -35.69
CA SER B 169 -4.16 1.96 -36.43
C SER B 169 -4.68 2.41 -37.78
N SER B 170 -4.66 1.50 -38.74
CA SER B 170 -5.36 1.71 -40.01
C SER B 170 -6.67 0.96 -40.08
N LEU B 171 -6.91 0.07 -39.11
CA LEU B 171 -8.15 -0.68 -38.99
C LEU B 171 -8.45 -0.83 -37.51
N LYS B 172 -9.59 -0.32 -37.07
CA LYS B 172 -9.92 -0.28 -35.65
C LYS B 172 -10.78 -1.46 -35.21
N ASP B 173 -10.86 -2.50 -36.03
CA ASP B 173 -11.62 -3.69 -35.69
C ASP B 173 -10.97 -4.86 -36.40
N PHE B 174 -11.66 -6.00 -36.41
CA PHE B 174 -11.13 -7.23 -37.00
C PHE B 174 -9.76 -7.55 -36.41
N ARG B 175 -9.66 -7.30 -35.11
CA ARG B 175 -8.60 -7.63 -34.17
C ARG B 175 -7.34 -6.77 -34.21
N HIS B 176 -7.00 -6.11 -35.32
CA HIS B 176 -6.52 -4.73 -35.41
C HIS B 176 -5.66 -4.56 -36.65
N ALA B 177 -5.17 -3.36 -36.93
CA ALA B 177 -4.09 -3.17 -37.90
C ALA B 177 -3.27 -1.98 -37.45
N VAL B 178 -2.16 -2.24 -36.76
CA VAL B 178 -1.36 -1.21 -36.13
C VAL B 178 -0.29 -0.74 -37.09
N GLU B 179 -0.16 0.59 -37.24
CA GLU B 179 0.87 1.18 -38.06
C GLU B 179 2.13 1.53 -37.28
N ASP B 180 2.04 1.67 -35.97
CA ASP B 180 3.20 1.96 -35.13
C ASP B 180 2.87 1.59 -33.71
N PHE B 181 3.58 0.63 -33.14
CA PHE B 181 3.27 0.13 -31.81
C PHE B 181 3.68 1.08 -30.70
N GLN B 182 4.21 2.26 -31.03
CA GLN B 182 4.72 3.19 -30.03
C GLN B 182 4.15 4.58 -30.22
N GLU B 183 2.93 4.68 -30.72
CA GLU B 183 2.26 5.96 -30.91
C GLU B 183 0.81 5.81 -30.51
N ILE B 184 0.22 6.91 -30.08
CA ILE B 184 -1.21 6.99 -29.82
C ILE B 184 -1.91 7.45 -31.08
N ASP B 185 -3.05 6.87 -31.36
CA ASP B 185 -3.82 7.29 -32.53
C ASP B 185 -4.27 8.73 -32.36
N PRO B 186 -4.20 9.56 -33.41
CA PRO B 186 -4.59 10.97 -33.25
C PRO B 186 -5.97 11.18 -32.65
N ILE B 187 -6.93 10.33 -32.98
CA ILE B 187 -8.29 10.54 -32.49
C ILE B 187 -8.37 10.30 -30.99
N PHE B 188 -7.37 9.67 -30.41
CA PHE B 188 -7.33 9.45 -28.96
C PHE B 188 -6.47 10.47 -28.23
N GLY B 189 -5.70 11.27 -28.94
CA GLY B 189 -4.84 12.23 -28.29
C GLY B 189 -3.43 12.18 -28.84
N THR B 190 -2.46 12.62 -28.05
CA THR B 190 -1.05 12.59 -28.41
C THR B 190 -0.27 11.86 -27.31
N MET B 191 1.01 11.62 -27.58
CA MET B 191 1.82 10.84 -26.65
C MET B 191 1.94 11.51 -25.29
N LYS B 192 1.71 12.82 -25.22
CA LYS B 192 1.77 13.48 -23.92
C LYS B 192 0.43 13.43 -23.20
N ASP B 193 -0.67 13.30 -23.96
CA ASP B 193 -1.96 13.06 -23.33
C ASP B 193 -1.97 11.72 -22.61
N PHE B 194 -1.17 10.77 -23.08
CA PHE B 194 -1.11 9.48 -22.41
C PHE B 194 -0.29 9.56 -21.13
N GLU B 195 0.81 10.31 -21.14
CA GLU B 195 1.64 10.41 -19.95
C GLU B 195 0.95 11.18 -18.84
N ASN B 196 0.04 12.10 -19.19
CA ASN B 196 -0.74 12.78 -18.16
C ASN B 196 -1.83 11.88 -17.60
N LEU B 197 -2.32 10.94 -18.41
CA LEU B 197 -3.32 10.00 -17.92
C LEU B 197 -2.70 8.93 -17.05
N VAL B 198 -1.50 8.48 -17.38
CA VAL B 198 -0.83 7.48 -16.57
C VAL B 198 -0.43 8.07 -15.23
N ALA B 199 -0.12 9.36 -15.20
CA ALA B 199 0.18 10.01 -13.93
C ALA B 199 -1.07 10.22 -13.11
N ALA B 200 -2.16 10.66 -13.74
CA ALA B 200 -3.41 10.88 -13.03
C ALA B 200 -3.99 9.58 -12.49
N ILE B 201 -3.67 8.45 -13.12
CA ILE B 201 -4.19 7.17 -12.64
C ILE B 201 -3.40 6.72 -11.41
N HIS B 202 -2.08 6.87 -11.44
CA HIS B 202 -1.27 6.42 -10.32
C HIS B 202 -1.53 7.24 -9.07
N ASP B 203 -1.78 8.54 -9.23
CA ASP B 203 -2.08 9.38 -8.07
C ASP B 203 -3.41 9.05 -7.42
N LYS B 204 -4.33 8.42 -8.14
CA LYS B 204 -5.58 7.98 -7.54
C LYS B 204 -5.46 6.63 -6.87
N GLY B 205 -4.32 5.96 -7.02
CA GLY B 205 -4.16 4.63 -6.47
C GLY B 205 -4.58 3.52 -7.40
N LEU B 206 -4.92 3.84 -8.64
CA LEU B 206 -5.36 2.86 -9.61
C LEU B 206 -4.17 2.30 -10.38
N LYS B 207 -4.44 1.29 -11.18
CA LYS B 207 -3.46 0.73 -12.11
C LYS B 207 -4.04 0.73 -13.51
N LEU B 208 -3.16 0.69 -14.49
CA LEU B 208 -3.56 0.75 -15.89
C LEU B 208 -2.92 -0.41 -16.63
N ILE B 209 -3.75 -1.20 -17.29
CA ILE B 209 -3.26 -2.24 -18.20
C ILE B 209 -3.84 -1.97 -19.57
N ILE B 210 -3.08 -2.28 -20.61
CA ILE B 210 -3.46 -1.96 -21.97
C ILE B 210 -3.48 -3.22 -22.82
N ASP B 211 -4.22 -3.15 -23.92
CA ASP B 211 -4.27 -4.25 -24.86
C ASP B 211 -2.99 -4.31 -25.67
N PHE B 212 -2.49 -5.51 -25.90
CA PHE B 212 -1.35 -5.73 -26.77
C PHE B 212 -1.69 -6.89 -27.69
N ILE B 213 -1.44 -6.71 -28.99
CA ILE B 213 -1.70 -7.79 -29.94
C ILE B 213 -0.50 -7.91 -30.87
N PRO B 214 0.40 -8.85 -30.61
CA PRO B 214 1.68 -8.91 -31.34
C PRO B 214 1.70 -9.79 -32.58
N ASN B 215 0.57 -10.31 -33.04
CA ASN B 215 0.62 -11.34 -34.07
C ASN B 215 0.84 -10.75 -35.45
N HIS B 216 0.26 -9.58 -35.73
CA HIS B 216 0.27 -9.02 -37.07
C HIS B 216 0.49 -7.52 -36.98
N THR B 217 0.79 -6.91 -38.13
CA THR B 217 0.83 -5.47 -38.25
C THR B 217 -0.05 -5.06 -39.41
N SER B 218 -0.12 -3.77 -39.70
CA SER B 218 -0.83 -3.30 -40.88
C SER B 218 0.10 -3.38 -42.08
N ASP B 219 -0.50 -3.41 -43.27
CA ASP B 219 0.32 -3.39 -44.48
C ASP B 219 0.83 -2.00 -44.81
N LYS B 220 0.57 -1.01 -43.95
CA LYS B 220 1.19 0.29 -44.02
C LYS B 220 2.29 0.46 -42.99
N HIS B 221 2.58 -0.55 -42.20
CA HIS B 221 3.68 -0.47 -41.24
C HIS B 221 4.99 -0.35 -41.99
N ALA B 222 5.94 0.37 -41.39
CA ALA B 222 7.23 0.56 -42.01
C ALA B 222 7.95 -0.76 -42.23
N TRP B 223 7.76 -1.73 -41.33
CA TRP B 223 8.39 -3.03 -41.50
C TRP B 223 7.92 -3.74 -42.75
N PHE B 224 6.65 -3.59 -43.11
CA PHE B 224 6.13 -4.29 -44.27
C PHE B 224 6.50 -3.58 -45.55
N GLN B 225 6.57 -2.26 -45.53
CA GLN B 225 6.98 -1.51 -46.71
C GLN B 225 8.43 -1.83 -47.06
N TRP B 226 9.28 -2.02 -46.06
CA TRP B 226 10.64 -2.46 -46.34
C TRP B 226 10.68 -3.92 -46.75
N SER B 227 9.80 -4.75 -46.20
CA SER B 227 9.89 -6.18 -46.43
C SER B 227 9.49 -6.53 -47.87
N ARG B 228 8.50 -5.85 -48.41
CA ARG B 228 8.13 -6.10 -49.80
C ARG B 228 9.21 -5.62 -50.74
N ASN B 229 9.97 -4.60 -50.33
CA ASN B 229 11.11 -4.13 -51.08
C ASN B 229 12.36 -5.00 -50.88
N ARG B 230 12.28 -6.03 -50.05
CA ARG B 230 13.44 -6.86 -49.71
C ARG B 230 14.58 -6.03 -49.14
N THR B 231 14.23 -5.03 -48.35
CA THR B 231 15.22 -4.13 -47.77
C THR B 231 15.83 -4.73 -46.52
N GLY B 232 17.16 -4.81 -46.50
CA GLY B 232 17.90 -5.20 -45.32
C GLY B 232 17.46 -6.48 -44.66
N LYS B 233 17.44 -6.48 -43.33
CA LYS B 233 17.01 -7.63 -42.55
C LYS B 233 15.50 -7.80 -42.51
N TYR B 234 14.76 -6.80 -42.97
CA TYR B 234 13.31 -6.86 -42.93
C TYR B 234 12.72 -7.79 -43.97
N THR B 235 13.53 -8.43 -44.80
CA THR B 235 13.00 -9.30 -45.84
C THR B 235 12.33 -10.54 -45.28
N ASP B 236 12.58 -10.85 -44.00
CA ASP B 236 12.03 -12.03 -43.38
C ASP B 236 11.27 -11.70 -42.10
N TYR B 237 10.79 -10.47 -41.98
CA TYR B 237 9.93 -10.13 -40.85
C TYR B 237 8.55 -10.75 -41.02
N TYR B 238 8.15 -11.05 -42.24
CA TYR B 238 6.84 -11.56 -42.57
C TYR B 238 7.00 -12.91 -43.26
N ILE B 239 5.89 -13.61 -43.40
CA ILE B 239 5.89 -14.96 -43.96
C ILE B 239 5.53 -14.83 -45.44
N TRP B 240 6.52 -15.10 -46.29
CA TRP B 240 6.34 -15.02 -47.73
C TRP B 240 6.51 -16.40 -48.35
N HIS B 241 5.96 -16.55 -49.55
CA HIS B 241 6.06 -17.82 -50.26
C HIS B 241 5.75 -17.56 -51.74
N ASP B 242 6.23 -18.46 -52.59
CA ASP B 242 6.02 -18.33 -54.02
C ASP B 242 4.66 -18.86 -54.42
N CYS B 243 3.99 -18.14 -55.33
CA CYS B 243 2.67 -18.51 -55.79
C CYS B 243 2.50 -18.05 -57.23
N ASN B 244 1.77 -18.85 -58.01
CA ASN B 244 1.51 -18.53 -59.41
C ASN B 244 0.37 -17.52 -59.49
N TYR B 245 0.63 -16.38 -60.14
CA TYR B 245 -0.35 -15.32 -60.28
C TYR B 245 -0.45 -14.92 -61.74
N GLU B 246 -1.58 -15.28 -62.37
CA GLU B 246 -1.83 -14.92 -63.76
C GLU B 246 -3.29 -14.54 -63.92
N ASN B 247 -3.54 -13.42 -64.58
CA ASN B 247 -4.88 -12.94 -64.89
C ASN B 247 -5.70 -12.72 -63.62
N GLY B 248 -5.08 -12.10 -62.62
CA GLY B 248 -5.78 -11.72 -61.41
C GLY B 248 -6.18 -12.85 -60.49
N THR B 249 -6.08 -14.10 -60.92
CA THR B 249 -6.44 -15.24 -60.09
C THR B 249 -5.18 -15.94 -59.61
N THR B 250 -5.11 -16.16 -58.31
CA THR B 250 -3.93 -16.73 -57.67
C THR B 250 -4.27 -18.12 -57.13
N ILE B 251 -3.33 -19.04 -57.28
CA ILE B 251 -3.39 -20.33 -56.58
C ILE B 251 -2.49 -20.19 -55.35
N PRO B 252 -2.99 -20.46 -54.15
CA PRO B 252 -2.18 -20.24 -52.96
C PRO B 252 -1.29 -21.43 -52.68
N PRO B 253 -0.30 -21.28 -51.80
CA PRO B 253 0.58 -22.42 -51.49
C PRO B 253 -0.13 -23.61 -50.87
N ASN B 254 -1.30 -23.42 -50.28
CA ASN B 254 -2.09 -24.52 -49.73
C ASN B 254 -3.52 -24.05 -49.59
N ASN B 255 -4.35 -24.85 -48.92
CA ASN B 255 -5.76 -24.54 -48.75
C ASN B 255 -6.07 -23.85 -47.43
N TRP B 256 -5.05 -23.29 -46.76
CA TRP B 256 -5.27 -22.62 -45.50
C TRP B 256 -6.22 -21.45 -45.69
N LEU B 257 -7.09 -21.24 -44.73
CA LEU B 257 -8.12 -20.22 -44.82
C LEU B 257 -7.89 -19.13 -43.78
N SER B 258 -8.44 -17.95 -44.06
CA SER B 258 -8.42 -16.86 -43.11
C SER B 258 -9.47 -17.08 -42.04
N VAL B 259 -9.34 -16.36 -40.92
CA VAL B 259 -10.30 -16.52 -39.83
C VAL B 259 -11.63 -15.90 -40.20
N TYR B 260 -11.63 -14.87 -41.04
CA TYR B 260 -12.85 -14.23 -41.50
C TYR B 260 -13.33 -14.83 -42.82
N GLY B 261 -12.57 -15.71 -43.41
CA GLY B 261 -13.00 -16.65 -44.41
C GLY B 261 -12.64 -16.20 -45.82
N ASN B 262 -11.50 -16.70 -46.29
CA ASN B 262 -11.10 -16.75 -47.70
C ASN B 262 -9.70 -17.33 -47.71
N SER B 263 -9.13 -17.53 -48.89
CA SER B 263 -7.74 -17.97 -48.95
C SER B 263 -6.88 -17.06 -48.08
N SER B 264 -6.02 -17.69 -47.28
CA SER B 264 -5.23 -16.98 -46.30
C SER B 264 -3.90 -16.48 -46.86
N TRP B 265 -3.69 -16.59 -48.16
CA TRP B 265 -2.52 -16.04 -48.82
C TRP B 265 -2.95 -14.95 -49.78
N HIS B 266 -2.13 -13.92 -49.92
CA HIS B 266 -2.46 -12.80 -50.79
C HIS B 266 -1.22 -12.38 -51.56
N PHE B 267 -1.38 -12.18 -52.86
CA PHE B 267 -0.28 -11.83 -53.73
C PHE B 267 0.08 -10.35 -53.58
N ASP B 268 1.38 -10.07 -53.57
CA ASP B 268 1.89 -8.71 -53.46
C ASP B 268 2.58 -8.33 -54.77
N GLU B 269 2.23 -7.18 -55.32
CA GLU B 269 2.72 -6.80 -56.64
C GLU B 269 4.19 -6.44 -56.63
N VAL B 270 4.68 -5.85 -55.54
CA VAL B 270 6.07 -5.40 -55.50
C VAL B 270 7.01 -6.57 -55.23
N ARG B 271 6.60 -7.48 -54.35
CA ARG B 271 7.45 -8.60 -53.97
C ARG B 271 7.35 -9.76 -54.95
N LYS B 272 6.24 -9.87 -55.68
CA LYS B 272 5.97 -11.01 -56.56
C LYS B 272 5.90 -12.31 -55.77
N GLN B 273 5.39 -12.24 -54.54
CA GLN B 273 5.23 -13.40 -53.69
C GLN B 273 3.91 -13.26 -52.92
N CYS B 274 3.50 -14.32 -52.25
CA CYS B 274 2.31 -14.34 -51.41
C CYS B 274 2.72 -14.18 -49.95
N TYR B 275 1.98 -13.34 -49.22
CA TYR B 275 2.22 -13.19 -47.80
C TYR B 275 1.03 -13.75 -47.01
N PHE B 276 1.33 -14.25 -45.83
CA PHE B 276 0.37 -14.96 -44.99
C PHE B 276 -0.35 -13.97 -44.09
N HIS B 277 -1.64 -14.23 -43.86
CA HIS B 277 -2.44 -13.42 -42.94
C HIS B 277 -3.58 -14.26 -42.40
N GLN B 278 -3.70 -14.33 -41.08
CA GLN B 278 -4.81 -15.07 -40.49
C GLN B 278 -6.11 -14.29 -40.61
N PHE B 279 -6.06 -12.99 -40.38
CA PHE B 279 -7.19 -12.09 -40.46
C PHE B 279 -7.24 -11.43 -41.85
N MET B 280 -7.99 -10.35 -41.98
CA MET B 280 -8.18 -9.68 -43.27
C MET B 280 -6.86 -9.35 -43.96
N LYS B 281 -6.91 -9.10 -45.27
CA LYS B 281 -5.70 -8.91 -46.06
C LYS B 281 -4.87 -7.72 -45.59
N GLU B 282 -5.47 -6.79 -44.85
CA GLU B 282 -4.75 -5.63 -44.35
C GLU B 282 -3.88 -5.95 -43.14
N GLN B 283 -3.73 -7.22 -42.76
CA GLN B 283 -3.04 -7.60 -41.53
C GLN B 283 -2.08 -8.75 -41.78
N PRO B 284 -0.95 -8.49 -42.43
CA PRO B 284 0.04 -9.56 -42.62
C PRO B 284 0.60 -10.04 -41.29
N ASP B 285 0.81 -11.36 -41.20
CA ASP B 285 1.30 -11.96 -39.98
C ASP B 285 2.81 -11.83 -39.87
N LEU B 286 3.28 -11.43 -38.69
CA LEU B 286 4.70 -11.39 -38.43
C LEU B 286 5.26 -12.81 -38.38
N ASN B 287 6.53 -12.94 -38.71
CA ASN B 287 7.22 -14.22 -38.70
C ASN B 287 7.95 -14.34 -37.37
N PHE B 288 7.34 -15.03 -36.42
CA PHE B 288 7.92 -15.17 -35.09
C PHE B 288 8.94 -16.28 -35.00
N ARG B 289 9.24 -16.95 -36.11
CA ARG B 289 10.27 -17.98 -36.10
C ARG B 289 11.66 -17.40 -36.31
N ASN B 290 11.76 -16.16 -36.76
CA ASN B 290 13.14 -15.70 -36.77
C ASN B 290 13.39 -14.76 -35.60
N PRO B 291 14.59 -14.80 -35.01
CA PRO B 291 14.84 -14.04 -33.77
C PRO B 291 14.86 -12.54 -33.95
N ASP B 292 14.82 -12.02 -35.16
CA ASP B 292 14.79 -10.58 -35.35
C ASP B 292 13.44 -9.99 -34.94
N VAL B 293 12.35 -10.70 -35.23
CA VAL B 293 11.02 -10.19 -34.91
C VAL B 293 10.76 -10.24 -33.42
N GLN B 294 11.29 -11.25 -32.73
CA GLN B 294 11.07 -11.38 -31.30
C GLN B 294 11.80 -10.30 -30.50
N GLU B 295 12.91 -9.77 -31.02
CA GLU B 295 13.57 -8.67 -30.34
C GLU B 295 12.84 -7.35 -30.57
N GLU B 296 12.07 -7.26 -31.65
CA GLU B 296 11.25 -6.07 -31.86
C GLU B 296 10.05 -6.06 -30.93
N ILE B 297 9.40 -7.22 -30.77
CA ILE B 297 8.29 -7.30 -29.82
C ILE B 297 8.79 -7.20 -28.40
N LYS B 298 10.09 -7.43 -28.18
CA LYS B 298 10.63 -7.28 -26.83
C LYS B 298 10.91 -5.83 -26.50
N GLU B 299 11.16 -4.99 -27.51
CA GLU B 299 11.38 -3.57 -27.26
C GLU B 299 10.09 -2.79 -27.12
N ILE B 300 8.99 -3.28 -27.69
CA ILE B 300 7.69 -2.64 -27.50
C ILE B 300 7.16 -2.91 -26.09
N ILE B 301 7.37 -4.12 -25.60
CA ILE B 301 7.01 -4.43 -24.21
C ILE B 301 7.82 -3.57 -23.26
N GLN B 302 9.07 -3.26 -23.63
CA GLN B 302 9.92 -2.44 -22.77
C GLN B 302 9.58 -0.96 -22.90
N PHE B 303 9.06 -0.54 -24.04
CA PHE B 303 8.74 0.86 -24.23
C PHE B 303 7.54 1.27 -23.40
N TRP B 304 6.53 0.40 -23.32
CA TRP B 304 5.31 0.75 -22.61
C TRP B 304 5.43 0.53 -21.11
N LEU B 305 6.32 -0.35 -20.68
CA LEU B 305 6.51 -0.54 -19.25
C LEU B 305 7.32 0.58 -18.64
N SER B 306 8.13 1.26 -19.43
CA SER B 306 8.91 2.39 -18.93
C SER B 306 8.02 3.61 -18.70
N LYS B 307 6.90 3.69 -19.41
CA LYS B 307 5.97 4.80 -19.22
C LYS B 307 5.06 4.61 -18.03
N GLY B 308 5.14 3.49 -17.33
CA GLY B 308 4.33 3.26 -16.15
C GLY B 308 3.12 2.39 -16.34
N VAL B 309 2.95 1.77 -17.52
CA VAL B 309 1.85 0.85 -17.73
C VAL B 309 2.03 -0.35 -16.81
N ASP B 310 0.96 -0.76 -16.14
CA ASP B 310 1.05 -1.77 -15.10
C ASP B 310 0.80 -3.18 -15.60
N GLY B 311 0.79 -3.42 -16.90
CA GLY B 311 0.59 -4.76 -17.39
C GLY B 311 -0.15 -4.76 -18.71
N PHE B 312 -0.25 -5.95 -19.28
CA PHE B 312 -0.74 -6.11 -20.64
C PHE B 312 -1.84 -7.15 -20.69
N SER B 313 -2.57 -7.13 -21.79
CA SER B 313 -3.56 -8.14 -22.13
C SER B 313 -3.26 -8.61 -23.54
N PHE B 314 -2.63 -9.77 -23.67
CA PHE B 314 -2.21 -10.27 -24.97
C PHE B 314 -3.40 -10.92 -25.68
N ASN B 315 -3.58 -10.56 -26.94
CA ASN B 315 -4.69 -11.06 -27.73
C ASN B 315 -4.17 -11.90 -28.89
N ALA B 316 -5.05 -12.77 -29.40
CA ALA B 316 -4.75 -13.60 -30.57
C ALA B 316 -3.44 -14.35 -30.39
N LEU B 317 -3.30 -15.03 -29.26
CA LEU B 317 -2.05 -15.69 -28.93
C LEU B 317 -1.92 -17.06 -29.57
N GLN B 318 -3.02 -17.75 -29.85
CA GLN B 318 -2.93 -19.06 -30.48
C GLN B 318 -2.52 -18.98 -31.94
N TYR B 319 -2.53 -17.80 -32.53
CA TYR B 319 -2.19 -17.63 -33.93
C TYR B 319 -0.75 -17.19 -34.14
N LEU B 320 0.08 -17.23 -33.10
CA LEU B 320 1.45 -16.77 -33.23
C LEU B 320 2.22 -17.57 -34.26
N LEU B 321 2.34 -18.87 -34.03
CA LEU B 321 3.12 -19.75 -34.89
C LEU B 321 2.22 -20.57 -35.81
N GLU B 322 2.78 -20.95 -36.95
CA GLU B 322 2.12 -21.86 -37.89
C GLU B 322 3.10 -22.96 -38.26
N ALA B 323 2.59 -24.00 -38.91
CA ALA B 323 3.43 -25.11 -39.31
C ALA B 323 4.36 -24.69 -40.43
N LYS B 324 5.62 -25.14 -40.34
CA LYS B 324 6.61 -24.77 -41.34
C LYS B 324 6.43 -25.54 -42.65
N HIS B 325 5.86 -26.74 -42.58
CA HIS B 325 5.76 -27.57 -43.77
C HIS B 325 4.69 -27.09 -44.74
N LEU B 326 3.76 -26.25 -44.29
CA LEU B 326 2.73 -25.65 -45.15
C LEU B 326 1.91 -26.72 -45.88
N ARG B 327 1.61 -27.81 -45.19
CA ARG B 327 0.75 -28.83 -45.77
C ARG B 327 -0.70 -28.46 -45.58
N ASP B 328 -1.55 -29.04 -46.42
CA ASP B 328 -2.96 -28.69 -46.39
C ASP B 328 -3.64 -29.24 -45.14
N GLU B 329 -4.70 -28.56 -44.72
CA GLU B 329 -5.47 -29.02 -43.58
C GLU B 329 -6.35 -30.20 -43.96
N ALA B 330 -7.07 -30.73 -42.98
CA ALA B 330 -8.05 -31.77 -43.21
C ALA B 330 -9.44 -31.15 -43.18
N GLN B 331 -10.22 -31.40 -44.23
CA GLN B 331 -11.56 -30.86 -44.30
C GLN B 331 -12.48 -31.54 -43.29
N VAL B 332 -13.49 -30.81 -42.83
CA VAL B 332 -14.48 -31.40 -41.93
C VAL B 332 -15.35 -32.38 -42.68
N ASN B 333 -15.80 -32.00 -43.87
CA ASN B 333 -16.54 -32.87 -44.77
C ASN B 333 -15.56 -33.35 -45.83
N LYS B 334 -15.05 -34.57 -45.66
CA LYS B 334 -13.98 -35.07 -46.53
C LYS B 334 -14.44 -35.14 -47.99
N THR B 335 -15.72 -35.40 -48.22
CA THR B 335 -16.24 -35.51 -49.58
C THR B 335 -16.78 -34.17 -50.07
N GLN B 336 -15.94 -33.15 -49.97
CA GLN B 336 -16.27 -31.81 -50.44
C GLN B 336 -15.24 -31.38 -51.46
N ILE B 337 -15.69 -30.63 -52.46
CA ILE B 337 -14.80 -30.30 -53.57
C ILE B 337 -13.80 -29.25 -53.13
N PRO B 338 -12.50 -29.45 -53.34
CA PRO B 338 -11.49 -28.58 -52.70
C PRO B 338 -11.40 -27.17 -53.26
N ASP B 339 -12.33 -26.75 -54.13
CA ASP B 339 -12.34 -25.38 -54.59
C ASP B 339 -13.50 -24.57 -54.01
N THR B 340 -14.40 -25.20 -53.27
CA THR B 340 -15.51 -24.49 -52.64
C THR B 340 -15.31 -24.30 -51.14
N VAL B 341 -14.18 -24.76 -50.61
CA VAL B 341 -13.89 -24.59 -49.17
C VAL B 341 -13.40 -23.16 -49.01
N THR B 342 -14.29 -22.30 -48.53
CA THR B 342 -13.99 -20.89 -48.33
C THR B 342 -14.42 -20.38 -46.96
N HIS B 343 -14.90 -21.26 -46.08
CA HIS B 343 -15.32 -20.88 -44.75
C HIS B 343 -14.34 -21.45 -43.73
N TYR B 344 -13.92 -20.61 -42.78
CA TYR B 344 -12.96 -21.03 -41.77
C TYR B 344 -13.44 -22.25 -41.01
N SER B 345 -14.75 -22.41 -40.88
CA SER B 345 -15.31 -23.53 -40.13
C SER B 345 -15.34 -24.82 -40.92
N GLN B 346 -14.95 -24.82 -42.19
CA GLN B 346 -14.96 -26.02 -43.01
C GLN B 346 -13.63 -26.75 -43.00
N LEU B 347 -12.74 -26.45 -42.05
CA LEU B 347 -11.43 -27.08 -41.98
C LEU B 347 -11.11 -27.41 -40.53
N HIS B 348 -10.21 -28.37 -40.36
CA HIS B 348 -9.65 -28.69 -39.06
C HIS B 348 -8.31 -27.97 -38.92
N HIS B 349 -8.22 -27.07 -37.94
CA HIS B 349 -7.09 -26.15 -37.86
C HIS B 349 -6.03 -26.69 -36.91
N ASP B 350 -5.23 -27.60 -37.45
CA ASP B 350 -4.15 -28.22 -36.70
C ASP B 350 -2.78 -27.65 -37.06
N PHE B 351 -2.68 -26.86 -38.13
CA PHE B 351 -1.41 -26.29 -38.55
C PHE B 351 -1.34 -24.78 -38.40
N THR B 352 -2.42 -24.12 -37.98
CA THR B 352 -2.43 -22.68 -37.87
C THR B 352 -2.70 -22.15 -36.47
N THR B 353 -3.06 -23.01 -35.52
CA THR B 353 -3.33 -22.58 -34.16
C THR B 353 -2.60 -23.48 -33.18
N THR B 354 -2.06 -22.87 -32.13
CA THR B 354 -1.41 -23.57 -31.02
C THR B 354 -0.39 -24.59 -31.52
N GLN B 355 0.66 -24.07 -32.15
CA GLN B 355 1.74 -24.92 -32.60
C GLN B 355 2.67 -25.26 -31.45
N VAL B 356 3.73 -26.00 -31.75
CA VAL B 356 4.53 -26.62 -30.70
C VAL B 356 5.28 -25.57 -29.89
N GLY B 357 5.99 -24.67 -30.54
CA GLY B 357 6.83 -23.73 -29.81
C GLY B 357 6.13 -22.44 -29.43
N MET B 358 4.80 -22.47 -29.38
CA MET B 358 4.05 -21.23 -29.12
C MET B 358 4.15 -20.80 -27.67
N HIS B 359 4.20 -21.75 -26.74
CA HIS B 359 4.17 -21.38 -25.32
C HIS B 359 5.52 -20.87 -24.83
N ASP B 360 6.61 -21.18 -25.52
CA ASP B 360 7.90 -20.61 -25.13
C ASP B 360 8.06 -19.19 -25.62
N ILE B 361 7.26 -18.76 -26.59
CA ILE B 361 7.25 -17.34 -26.97
C ILE B 361 6.50 -16.53 -25.93
N VAL B 362 5.36 -17.04 -25.45
CA VAL B 362 4.58 -16.35 -24.43
C VAL B 362 5.33 -16.35 -23.10
N ARG B 363 6.11 -17.40 -22.83
CA ARG B 363 6.92 -17.41 -21.62
C ARG B 363 8.11 -16.48 -21.74
N SER B 364 8.49 -16.11 -22.96
CA SER B 364 9.54 -15.13 -23.16
C SER B 364 9.04 -13.72 -22.94
N PHE B 365 7.77 -13.45 -23.25
CA PHE B 365 7.19 -12.15 -22.94
C PHE B 365 7.12 -11.94 -21.44
N ARG B 366 6.93 -13.03 -20.69
CA ARG B 366 6.79 -12.93 -19.25
C ARG B 366 8.13 -12.60 -18.60
N GLN B 367 9.23 -13.06 -19.19
CA GLN B 367 10.55 -12.74 -18.64
C GLN B 367 10.92 -11.30 -18.91
N THR B 368 10.56 -10.76 -20.07
CA THR B 368 10.81 -9.35 -20.35
C THR B 368 10.06 -8.45 -19.37
N MET B 369 8.85 -8.84 -18.99
CA MET B 369 8.10 -8.08 -18.01
C MET B 369 8.56 -8.33 -16.59
N ASN B 370 9.48 -9.26 -16.37
CA ASN B 370 9.98 -9.49 -15.02
C ASN B 370 11.11 -8.56 -14.65
N GLN B 371 11.75 -7.93 -15.63
CA GLN B 371 12.79 -6.95 -15.33
C GLN B 371 12.21 -5.68 -14.73
N TYR B 372 10.90 -5.48 -14.85
CA TYR B 372 10.25 -4.29 -14.33
C TYR B 372 9.39 -4.56 -13.10
N SER B 373 9.19 -5.82 -12.73
CA SER B 373 8.30 -6.17 -11.64
C SER B 373 9.05 -6.61 -10.39
N ARG B 374 10.28 -6.12 -10.20
CA ARG B 374 11.09 -6.56 -9.08
C ARG B 374 10.86 -5.69 -7.85
N GLU B 375 10.82 -4.37 -8.02
CA GLU B 375 10.54 -3.50 -6.90
C GLU B 375 9.16 -3.81 -6.33
N PRO B 376 9.02 -3.92 -5.02
CA PRO B 376 7.73 -4.30 -4.43
C PRO B 376 6.69 -3.21 -4.65
N GLY B 377 5.46 -3.65 -4.94
CA GLY B 377 4.37 -2.76 -5.21
C GLY B 377 4.22 -2.35 -6.65
N ARG B 378 5.07 -2.85 -7.54
CA ARG B 378 5.02 -2.53 -8.97
C ARG B 378 5.17 -3.80 -9.79
N TYR B 379 4.41 -4.82 -9.43
CA TYR B 379 4.35 -6.05 -10.22
C TYR B 379 3.58 -5.80 -11.50
N ARG B 380 4.07 -6.34 -12.61
CA ARG B 380 3.44 -6.16 -13.91
C ARG B 380 2.57 -7.37 -14.24
N PHE B 381 1.27 -7.12 -14.42
CA PHE B 381 0.30 -8.16 -14.67
C PHE B 381 0.32 -8.57 -16.13
N MET B 382 0.13 -9.86 -16.39
CA MET B 382 0.07 -10.36 -17.75
C MET B 382 -1.12 -11.30 -17.86
N GLY B 383 -2.07 -10.95 -18.72
CA GLY B 383 -3.22 -11.79 -18.95
C GLY B 383 -3.41 -12.03 -20.43
N THR B 384 -4.02 -13.16 -20.74
CA THR B 384 -4.24 -13.56 -22.12
C THR B 384 -5.70 -13.86 -22.32
N GLU B 385 -6.15 -13.83 -23.57
CA GLU B 385 -7.53 -14.17 -23.87
C GLU B 385 -7.64 -15.67 -24.12
N ALA B 386 -8.79 -16.24 -23.74
CA ALA B 386 -8.93 -17.69 -23.70
C ALA B 386 -9.35 -18.25 -25.05
N HIS B 387 -8.97 -19.51 -25.29
CA HIS B 387 -9.39 -20.22 -26.49
C HIS B 387 -10.89 -20.50 -26.40
N GLY B 388 -11.63 -20.09 -27.43
CA GLY B 388 -13.07 -20.21 -27.36
C GLY B 388 -13.56 -21.65 -27.31
N GLU B 389 -12.80 -22.55 -27.91
CA GLU B 389 -13.25 -23.92 -28.10
C GLU B 389 -12.88 -24.86 -26.96
N SER B 390 -11.71 -24.68 -26.34
CA SER B 390 -11.23 -25.63 -25.35
C SER B 390 -11.02 -24.91 -24.03
N ILE B 391 -11.26 -25.61 -22.92
CA ILE B 391 -10.94 -25.09 -21.60
C ILE B 391 -9.68 -25.73 -21.02
N THR B 392 -9.30 -26.92 -21.46
CA THR B 392 -8.04 -27.49 -21.02
C THR B 392 -6.86 -26.87 -21.75
N GLU B 393 -7.09 -26.30 -22.94
CA GLU B 393 -6.06 -25.53 -23.61
C GLU B 393 -5.91 -24.15 -22.99
N THR B 394 -6.98 -23.62 -22.40
CA THR B 394 -6.91 -22.32 -21.74
C THR B 394 -6.07 -22.39 -20.47
N MET B 395 -6.21 -23.49 -19.72
CA MET B 395 -5.51 -23.61 -18.44
C MET B 395 -4.01 -23.80 -18.60
N VAL B 396 -3.50 -23.92 -19.83
CA VAL B 396 -2.06 -23.99 -20.00
C VAL B 396 -1.44 -22.61 -19.81
N TYR B 397 -2.23 -21.55 -19.99
CA TYR B 397 -1.71 -20.20 -19.81
C TYR B 397 -1.49 -19.87 -18.34
N TYR B 398 -1.99 -20.68 -17.43
CA TYR B 398 -1.67 -20.47 -16.02
C TYR B 398 -0.23 -20.82 -15.71
N GLY B 399 0.40 -21.59 -16.56
CA GLY B 399 1.78 -21.97 -16.35
C GLY B 399 1.91 -23.25 -15.56
N LEU B 400 3.16 -23.59 -15.30
CA LEU B 400 3.49 -24.80 -14.56
C LEU B 400 4.04 -24.39 -13.21
N PRO B 401 4.14 -25.32 -12.24
CA PRO B 401 4.70 -24.94 -10.93
C PRO B 401 6.12 -24.40 -10.98
N PHE B 402 6.85 -24.61 -12.07
CA PHE B 402 8.22 -24.14 -12.18
C PHE B 402 8.46 -23.18 -13.33
N ILE B 403 7.57 -23.09 -14.30
CA ILE B 403 7.63 -22.08 -15.36
C ILE B 403 6.43 -21.17 -15.20
N GLN B 404 6.68 -19.88 -15.09
CA GLN B 404 5.59 -18.94 -14.88
C GLN B 404 5.17 -18.28 -16.19
N GLU B 405 3.90 -17.91 -16.24
CA GLU B 405 3.22 -17.48 -17.45
C GLU B 405 2.17 -16.45 -17.04
N ALA B 406 1.14 -16.29 -17.88
CA ALA B 406 0.05 -15.37 -17.59
C ALA B 406 -0.42 -15.47 -16.16
N ASP B 407 -0.79 -14.33 -15.58
CA ASP B 407 -1.28 -14.32 -14.20
C ASP B 407 -2.67 -14.95 -14.13
N PHE B 408 -3.52 -14.68 -15.11
CA PHE B 408 -4.65 -15.56 -15.40
C PHE B 408 -5.09 -15.32 -16.83
N PRO B 409 -5.57 -16.35 -17.51
CA PRO B 409 -6.24 -16.13 -18.79
C PRO B 409 -7.66 -15.68 -18.55
N PHE B 410 -8.14 -14.76 -19.36
CA PHE B 410 -9.42 -14.12 -19.11
C PHE B 410 -10.56 -15.09 -19.37
N ASN B 411 -11.43 -15.26 -18.38
CA ASN B 411 -12.54 -16.20 -18.45
C ASN B 411 -13.72 -15.50 -19.11
N SER B 412 -13.95 -15.80 -20.38
CA SER B 412 -15.03 -15.20 -21.15
C SER B 412 -16.24 -16.12 -21.25
N TYR B 413 -16.28 -17.19 -20.45
CA TYR B 413 -17.34 -18.17 -20.58
C TYR B 413 -18.65 -17.72 -19.99
N LEU B 414 -18.62 -16.74 -19.08
CA LEU B 414 -19.88 -16.16 -18.61
C LEU B 414 -20.48 -15.24 -19.67
N SER B 415 -19.65 -14.63 -20.51
CA SER B 415 -20.10 -13.75 -21.57
C SER B 415 -20.76 -14.50 -22.72
N LYS B 416 -20.89 -15.81 -22.61
CA LYS B 416 -21.45 -16.62 -23.69
C LYS B 416 -22.87 -17.04 -23.43
N LEU B 417 -23.32 -16.97 -22.18
CA LEU B 417 -24.67 -17.38 -21.83
C LEU B 417 -25.69 -16.48 -22.52
N ASP B 418 -26.55 -17.08 -23.32
CA ASP B 418 -27.61 -16.36 -24.01
C ASP B 418 -28.98 -16.59 -23.38
N LYS B 419 -29.09 -17.54 -22.45
CA LYS B 419 -30.34 -17.82 -21.78
C LYS B 419 -30.06 -18.03 -20.30
N PRO B 420 -30.71 -17.26 -19.42
CA PRO B 420 -30.45 -17.31 -17.98
C PRO B 420 -31.08 -18.51 -17.29
N SER B 421 -30.37 -19.64 -17.31
CA SER B 421 -30.80 -20.84 -16.62
C SER B 421 -29.86 -21.13 -15.47
N GLY B 422 -30.38 -21.86 -14.47
CA GLY B 422 -29.58 -22.14 -13.30
C GLY B 422 -28.44 -23.11 -13.58
N ASN B 423 -28.69 -24.11 -14.43
CA ASN B 423 -27.64 -25.08 -14.75
C ASN B 423 -26.69 -24.57 -15.83
N SER B 424 -27.09 -23.53 -16.58
CA SER B 424 -26.16 -22.93 -17.53
C SER B 424 -25.11 -22.11 -16.80
N VAL B 425 -25.50 -21.41 -15.74
CA VAL B 425 -24.55 -20.64 -14.96
C VAL B 425 -23.75 -21.55 -14.05
N SER B 426 -24.38 -22.61 -13.53
CA SER B 426 -23.68 -23.52 -12.64
C SER B 426 -22.61 -24.30 -13.37
N GLU B 427 -22.81 -24.59 -14.65
CA GLU B 427 -21.85 -25.34 -15.42
C GLU B 427 -20.58 -24.53 -15.70
N VAL B 428 -20.71 -23.22 -15.86
CA VAL B 428 -19.54 -22.38 -16.11
C VAL B 428 -18.70 -22.27 -14.84
N ILE B 429 -19.34 -22.18 -13.68
CA ILE B 429 -18.62 -21.98 -12.43
C ILE B 429 -17.79 -23.21 -12.10
N THR B 430 -18.39 -24.40 -12.18
CA THR B 430 -17.67 -25.60 -11.79
C THR B 430 -16.70 -26.05 -12.87
N SER B 431 -16.92 -25.65 -14.12
CA SER B 431 -15.99 -26.03 -15.18
C SER B 431 -14.67 -25.27 -15.06
N TRP B 432 -14.72 -24.00 -14.65
CA TRP B 432 -13.49 -23.25 -14.49
C TRP B 432 -12.76 -23.65 -13.22
N LEU B 433 -13.49 -23.85 -12.13
CA LEU B 433 -12.84 -24.02 -10.83
C LEU B 433 -12.24 -25.40 -10.65
N GLU B 434 -12.75 -26.43 -11.33
CA GLU B 434 -12.16 -27.75 -11.17
C GLU B 434 -11.02 -27.97 -12.16
N ASN B 435 -11.11 -27.35 -13.35
CA ASN B 435 -10.04 -27.45 -14.32
C ASN B 435 -8.83 -26.59 -13.99
N MET B 436 -8.96 -25.65 -13.06
CA MET B 436 -7.87 -24.73 -12.77
C MET B 436 -6.78 -25.44 -11.99
N PRO B 437 -5.51 -25.08 -12.19
CA PRO B 437 -4.45 -25.62 -11.35
C PRO B 437 -4.63 -25.24 -9.89
N GLU B 438 -3.71 -25.71 -9.05
CA GLU B 438 -3.94 -25.71 -7.61
C GLU B 438 -3.96 -24.30 -7.04
N GLY B 439 -2.81 -23.64 -7.02
CA GLY B 439 -2.72 -22.38 -6.29
C GLY B 439 -2.95 -21.15 -7.12
N LYS B 440 -3.80 -21.25 -8.13
CA LYS B 440 -3.99 -20.18 -9.09
C LYS B 440 -5.16 -19.29 -8.68
N TRP B 441 -5.35 -18.22 -9.45
CA TRP B 441 -6.37 -17.23 -9.13
C TRP B 441 -7.42 -17.19 -10.22
N PRO B 442 -8.70 -17.36 -9.89
CA PRO B 442 -9.74 -17.31 -10.91
C PRO B 442 -10.09 -15.87 -11.26
N ASN B 443 -10.87 -15.72 -12.32
CA ASN B 443 -11.41 -14.43 -12.70
C ASN B 443 -12.71 -14.64 -13.46
N TRP B 444 -13.61 -13.66 -13.36
CA TRP B 444 -14.96 -13.79 -13.89
C TRP B 444 -15.29 -12.55 -14.69
N MET B 445 -15.49 -12.72 -15.98
CA MET B 445 -15.72 -11.62 -16.91
C MET B 445 -17.08 -11.82 -17.54
N THR B 446 -18.02 -10.93 -17.23
CA THR B 446 -19.39 -11.11 -17.67
C THR B 446 -19.74 -10.28 -18.90
N GLY B 447 -18.77 -9.65 -19.54
CA GLY B 447 -19.05 -8.86 -20.72
C GLY B 447 -17.77 -8.44 -21.41
N GLY B 448 -17.92 -7.97 -22.64
CA GLY B 448 -16.80 -7.52 -23.42
C GLY B 448 -17.24 -6.69 -24.60
N PRO B 449 -16.29 -6.06 -25.29
CA PRO B 449 -16.66 -5.26 -26.47
C PRO B 449 -17.14 -6.11 -27.64
N ASP B 450 -16.90 -7.42 -27.60
CA ASP B 450 -17.18 -8.28 -28.74
C ASP B 450 -18.43 -9.13 -28.58
N ASN B 451 -19.29 -8.82 -27.61
CA ASN B 451 -20.52 -9.56 -27.46
C ASN B 451 -21.65 -8.65 -26.96
N VAL B 452 -22.88 -9.09 -27.22
CA VAL B 452 -24.05 -8.31 -26.86
C VAL B 452 -24.05 -8.03 -25.37
N ARG B 453 -24.45 -6.82 -25.01
CA ARG B 453 -24.41 -6.42 -23.60
C ARG B 453 -25.38 -7.26 -22.78
N LEU B 454 -25.12 -7.30 -21.47
CA LEU B 454 -25.85 -8.19 -20.59
C LEU B 454 -27.35 -7.91 -20.58
N THR B 455 -27.75 -6.65 -20.67
CA THR B 455 -29.16 -6.33 -20.63
C THR B 455 -29.87 -6.79 -21.90
N SER B 456 -29.16 -6.88 -23.02
CA SER B 456 -29.76 -7.34 -24.26
C SER B 456 -29.61 -8.85 -24.45
N ARG B 457 -28.73 -9.48 -23.67
CA ARG B 457 -28.54 -10.93 -23.79
C ARG B 457 -29.51 -11.68 -22.89
N LEU B 458 -29.64 -11.26 -21.64
CA LEU B 458 -30.47 -11.94 -20.66
C LEU B 458 -31.73 -11.18 -20.30
N GLY B 459 -31.67 -9.85 -20.20
CA GLY B 459 -32.82 -9.08 -19.81
C GLY B 459 -32.51 -8.14 -18.67
N GLU B 460 -33.31 -7.08 -18.51
CA GLU B 460 -33.03 -6.09 -17.49
C GLU B 460 -33.17 -6.66 -16.09
N LYS B 461 -34.02 -7.69 -15.91
CA LYS B 461 -34.21 -8.28 -14.60
C LYS B 461 -32.99 -9.06 -14.11
N TYR B 462 -31.97 -9.23 -14.95
CA TYR B 462 -30.80 -10.02 -14.58
C TYR B 462 -29.54 -9.18 -14.47
N VAL B 463 -29.66 -7.85 -14.48
CA VAL B 463 -28.47 -7.00 -14.34
C VAL B 463 -27.94 -7.07 -12.91
N ASN B 464 -28.84 -7.08 -11.93
CA ASN B 464 -28.41 -7.06 -10.53
C ASN B 464 -27.95 -8.43 -10.07
N ILE B 465 -28.67 -9.48 -10.44
CA ILE B 465 -28.29 -10.83 -10.04
C ILE B 465 -26.94 -11.22 -10.62
N MET B 466 -26.51 -10.56 -11.70
CA MET B 466 -25.28 -10.91 -12.37
C MET B 466 -24.07 -10.15 -11.83
N ASN B 467 -24.27 -8.99 -11.22
CA ASN B 467 -23.16 -8.32 -10.54
C ASN B 467 -22.95 -8.91 -9.16
N MET B 468 -24.01 -9.36 -8.51
CA MET B 468 -23.85 -10.04 -7.23
C MET B 468 -23.18 -11.40 -7.40
N LEU B 469 -23.27 -11.97 -8.60
CA LEU B 469 -22.66 -13.27 -8.85
C LEU B 469 -21.15 -13.15 -8.96
N VAL B 470 -20.66 -12.20 -9.77
CA VAL B 470 -19.23 -12.15 -10.03
C VAL B 470 -18.47 -11.45 -8.91
N PHE B 471 -19.16 -10.83 -7.96
CA PHE B 471 -18.47 -10.19 -6.85
C PHE B 471 -18.37 -11.06 -5.61
N THR B 472 -19.13 -12.14 -5.55
CA THR B 472 -19.06 -13.08 -4.46
C THR B 472 -18.37 -14.39 -4.84
N LEU B 473 -18.07 -14.58 -6.11
CA LEU B 473 -17.29 -15.74 -6.54
C LEU B 473 -15.82 -15.50 -6.26
N PRO B 474 -15.05 -16.58 -6.10
CA PRO B 474 -13.60 -16.40 -5.85
C PRO B 474 -12.90 -15.84 -7.08
N GLY B 475 -12.00 -14.91 -6.87
CA GLY B 475 -11.18 -14.41 -7.95
C GLY B 475 -11.46 -12.95 -8.20
N THR B 476 -11.08 -12.50 -9.40
CA THR B 476 -11.15 -11.11 -9.77
C THR B 476 -12.34 -10.87 -10.68
N PRO B 477 -13.26 -9.97 -10.34
CA PRO B 477 -14.34 -9.65 -11.27
C PRO B 477 -13.92 -8.56 -12.23
N ILE B 478 -14.19 -8.76 -13.51
CA ILE B 478 -13.80 -7.82 -14.56
C ILE B 478 -15.06 -7.25 -15.17
N THR B 479 -15.23 -5.93 -15.06
CA THR B 479 -16.44 -5.25 -15.46
C THR B 479 -16.20 -4.49 -16.75
N TYR B 480 -17.17 -4.54 -17.64
CA TYR B 480 -17.14 -3.77 -18.88
C TYR B 480 -17.90 -2.47 -18.66
N TYR B 481 -17.41 -1.39 -19.26
CA TYR B 481 -17.98 -0.08 -18.97
C TYR B 481 -19.46 -0.04 -19.33
N GLY B 482 -20.26 0.48 -18.41
CA GLY B 482 -21.67 0.59 -18.61
C GLY B 482 -22.46 -0.61 -18.14
N GLU B 483 -21.80 -1.61 -17.58
CA GLU B 483 -22.52 -2.75 -17.02
C GLU B 483 -22.95 -2.51 -15.59
N GLU B 484 -22.43 -1.46 -14.94
CA GLU B 484 -22.89 -1.12 -13.60
C GLU B 484 -24.18 -0.32 -13.61
N ILE B 485 -24.49 0.35 -14.72
CA ILE B 485 -25.73 1.11 -14.83
C ILE B 485 -26.77 0.39 -15.67
N GLY B 486 -26.42 -0.74 -16.25
CA GLY B 486 -27.37 -1.53 -17.01
C GLY B 486 -27.60 -1.02 -18.42
N MET B 487 -26.53 -0.74 -19.14
CA MET B 487 -26.66 -0.29 -20.52
C MET B 487 -27.17 -1.42 -21.41
N ARG B 488 -27.53 -1.07 -22.63
CA ARG B 488 -28.03 -2.06 -23.59
C ARG B 488 -27.51 -1.71 -24.98
N ASN B 489 -27.61 -2.67 -25.88
CA ASN B 489 -27.17 -2.45 -27.25
C ASN B 489 -28.06 -1.45 -27.96
N ILE B 490 -27.47 -0.71 -28.88
CA ILE B 490 -28.23 0.15 -29.77
C ILE B 490 -28.84 -0.72 -30.86
N LEU B 491 -29.89 -0.21 -31.50
CA LEU B 491 -30.63 -1.01 -32.48
C LEU B 491 -30.10 -0.88 -33.90
N ALA B 492 -29.54 0.27 -34.24
CA ALA B 492 -28.99 0.46 -35.58
C ALA B 492 -28.05 1.66 -35.56
N ALA B 493 -27.08 1.65 -36.46
CA ALA B 493 -26.16 2.75 -36.64
C ALA B 493 -25.71 2.78 -38.09
N ASN B 494 -25.27 3.96 -38.54
CA ASN B 494 -24.79 4.13 -39.90
C ASN B 494 -23.36 4.67 -39.81
N LEU B 495 -22.39 3.75 -39.86
CA LEU B 495 -20.99 4.08 -39.80
C LEU B 495 -20.39 3.95 -41.19
N ASN B 496 -19.53 4.91 -41.56
CA ASN B 496 -18.84 4.87 -42.84
C ASN B 496 -17.38 4.45 -42.69
N GLU B 497 -17.06 3.69 -41.65
CA GLU B 497 -15.75 3.09 -41.47
C GLU B 497 -15.88 1.58 -41.49
N ASN B 498 -14.75 0.90 -41.63
CA ASN B 498 -14.74 -0.56 -41.70
C ASN B 498 -14.79 -1.09 -40.27
N TYR B 499 -15.99 -1.38 -39.79
CA TYR B 499 -16.22 -1.94 -38.47
C TYR B 499 -17.04 -3.21 -38.61
N ASP B 500 -16.90 -4.10 -37.64
CA ASP B 500 -17.63 -5.37 -37.64
C ASP B 500 -19.05 -5.09 -37.15
N THR B 501 -20.00 -5.08 -38.09
CA THR B 501 -21.38 -4.75 -37.74
C THR B 501 -22.04 -5.79 -36.85
N GLY B 502 -21.45 -6.98 -36.72
CA GLY B 502 -22.00 -7.97 -35.82
C GLY B 502 -21.71 -7.72 -34.35
N THR B 503 -20.63 -6.99 -34.06
CA THR B 503 -20.25 -6.69 -32.69
C THR B 503 -20.06 -5.20 -32.43
N LEU B 504 -20.60 -4.34 -33.31
CA LEU B 504 -20.42 -2.91 -33.16
C LEU B 504 -21.42 -2.27 -32.20
N PHE B 505 -22.58 -2.88 -32.03
CA PHE B 505 -23.65 -2.26 -31.25
C PHE B 505 -23.42 -2.33 -29.75
N SER B 506 -22.38 -3.02 -29.30
CA SER B 506 -22.04 -3.03 -27.89
C SER B 506 -20.92 -2.06 -27.54
N LYS B 507 -20.69 -1.05 -28.38
CA LYS B 507 -19.69 -0.01 -28.14
C LYS B 507 -20.31 1.38 -28.10
N SER B 508 -21.60 1.47 -27.81
CA SER B 508 -22.28 2.76 -27.79
C SER B 508 -21.65 3.68 -26.77
N PRO B 509 -21.71 4.99 -26.99
CA PRO B 509 -21.11 5.93 -26.05
C PRO B 509 -21.72 5.79 -24.66
N MET B 510 -20.90 6.11 -23.66
CA MET B 510 -21.34 6.00 -22.28
C MET B 510 -22.35 7.08 -21.97
N GLN B 511 -23.42 6.71 -21.26
CA GLN B 511 -24.51 7.60 -20.94
C GLN B 511 -24.28 8.18 -19.56
N TRP B 512 -23.94 9.47 -19.50
CA TRP B 512 -23.58 10.13 -18.25
C TRP B 512 -24.74 10.86 -17.60
N ASP B 513 -25.57 11.55 -18.37
CA ASP B 513 -26.71 12.28 -17.83
C ASP B 513 -27.67 12.61 -18.96
N ASN B 514 -28.64 13.48 -18.68
CA ASN B 514 -29.60 13.95 -19.68
C ASN B 514 -29.05 15.23 -20.28
N SER B 515 -28.54 15.14 -21.51
CA SER B 515 -27.96 16.27 -22.20
C SER B 515 -27.90 15.93 -23.67
N SER B 516 -27.18 16.75 -24.43
CA SER B 516 -26.87 16.38 -25.81
C SER B 516 -25.91 15.19 -25.80
N ASN B 517 -26.33 14.11 -26.45
CA ASN B 517 -25.52 12.89 -26.54
C ASN B 517 -25.23 12.31 -25.17
N ALA B 518 -26.23 12.31 -24.30
CA ALA B 518 -26.14 11.69 -22.98
C ALA B 518 -24.97 12.24 -22.16
N GLY B 519 -24.51 13.45 -22.50
CA GLY B 519 -23.43 14.04 -21.76
C GLY B 519 -22.06 13.49 -22.11
N PHE B 520 -21.96 12.73 -23.19
CA PHE B 520 -20.71 12.11 -23.59
C PHE B 520 -19.84 13.00 -24.45
N SER B 521 -20.42 13.86 -25.26
CA SER B 521 -19.64 14.59 -26.26
C SER B 521 -19.74 16.09 -26.15
N GLU B 522 -20.92 16.63 -25.83
CA GLU B 522 -21.16 18.08 -25.82
C GLU B 522 -20.93 18.68 -27.21
N GLY B 523 -20.93 17.84 -28.24
CA GLY B 523 -20.72 18.28 -29.60
C GLY B 523 -21.98 18.11 -30.44
N ASN B 524 -21.78 18.17 -31.75
CA ASN B 524 -22.90 18.06 -32.67
C ASN B 524 -23.29 16.61 -32.90
N HIS B 525 -22.31 15.73 -33.10
CA HIS B 525 -22.56 14.33 -33.40
C HIS B 525 -21.55 13.47 -32.66
N THR B 526 -21.91 12.20 -32.50
CA THR B 526 -21.02 11.20 -31.93
C THR B 526 -20.71 10.14 -32.97
N TRP B 527 -19.59 9.45 -32.78
CA TRP B 527 -19.18 8.43 -33.74
C TRP B 527 -20.20 7.30 -33.80
N LEU B 528 -20.98 7.11 -32.74
CA LEU B 528 -22.05 6.13 -32.68
C LEU B 528 -23.23 6.71 -31.92
N PRO B 529 -24.46 6.45 -32.36
CA PRO B 529 -25.61 6.99 -31.66
C PRO B 529 -25.76 6.35 -30.28
N THR B 530 -26.14 7.17 -29.31
CA THR B 530 -26.44 6.66 -27.98
C THR B 530 -27.76 5.91 -28.01
N SER B 531 -27.95 5.02 -27.03
CA SER B 531 -29.22 4.31 -26.93
C SER B 531 -30.34 5.30 -26.67
N SER B 532 -31.52 5.00 -27.21
CA SER B 532 -32.62 5.97 -27.17
C SER B 532 -33.04 6.28 -25.74
N ASP B 533 -33.03 5.29 -24.85
CA ASP B 533 -33.54 5.47 -23.50
C ASP B 533 -32.44 5.91 -22.53
N TYR B 534 -31.68 6.94 -22.90
CA TYR B 534 -30.69 7.47 -21.97
C TYR B 534 -31.26 8.48 -20.99
N HIS B 535 -32.56 8.73 -21.05
CA HIS B 535 -33.19 9.63 -20.08
C HIS B 535 -33.44 8.92 -18.77
N THR B 536 -33.64 7.60 -18.80
CA THR B 536 -33.95 6.84 -17.60
C THR B 536 -32.72 6.14 -17.03
N VAL B 537 -31.85 5.60 -17.87
CA VAL B 537 -30.65 4.89 -17.43
C VAL B 537 -29.44 5.74 -17.80
N ASN B 538 -28.86 6.38 -16.80
CA ASN B 538 -27.60 7.10 -16.94
C ASN B 538 -27.05 7.33 -15.54
N VAL B 539 -25.79 7.76 -15.47
CA VAL B 539 -25.10 7.81 -14.19
C VAL B 539 -25.76 8.81 -13.25
N ASP B 540 -26.14 9.99 -13.75
CA ASP B 540 -26.65 11.03 -12.88
C ASP B 540 -27.96 10.64 -12.25
N VAL B 541 -28.85 10.01 -13.01
CA VAL B 541 -30.12 9.57 -12.46
C VAL B 541 -29.93 8.41 -11.49
N GLN B 542 -29.05 7.47 -11.84
CA GLN B 542 -28.94 6.22 -11.10
C GLN B 542 -28.25 6.38 -9.75
N LYS B 543 -27.45 7.44 -9.57
CA LYS B 543 -26.77 7.63 -8.30
C LYS B 543 -27.56 8.51 -7.34
N THR B 544 -28.79 8.88 -7.71
CA THR B 544 -29.74 9.48 -6.78
C THR B 544 -30.81 8.50 -6.33
N GLN B 545 -31.17 7.56 -7.20
CA GLN B 545 -32.16 6.57 -6.87
C GLN B 545 -31.67 5.67 -5.73
N PRO B 546 -32.56 5.23 -4.85
CA PRO B 546 -32.11 4.42 -3.70
C PRO B 546 -31.79 2.99 -4.07
N ARG B 547 -32.51 2.41 -5.03
CA ARG B 547 -32.35 1.01 -5.41
C ARG B 547 -32.13 0.94 -6.92
N SER B 548 -30.88 1.13 -7.35
CA SER B 548 -30.51 1.15 -8.74
C SER B 548 -29.36 0.18 -8.97
N ALA B 549 -29.09 -0.13 -10.24
CA ALA B 549 -27.99 -1.03 -10.55
C ALA B 549 -26.65 -0.43 -10.18
N LEU B 550 -26.52 0.90 -10.30
CA LEU B 550 -25.26 1.54 -9.91
C LEU B 550 -25.11 1.57 -8.40
N LYS B 551 -26.22 1.74 -7.68
CA LYS B 551 -26.15 1.79 -6.22
C LYS B 551 -25.78 0.43 -5.64
N LEU B 552 -26.37 -0.63 -6.19
CA LEU B 552 -26.02 -1.97 -5.73
C LEU B 552 -24.59 -2.31 -6.10
N TYR B 553 -24.12 -1.86 -7.27
CA TYR B 553 -22.76 -2.15 -7.68
C TYR B 553 -21.75 -1.49 -6.74
N GLN B 554 -22.08 -0.33 -6.21
CA GLN B 554 -21.16 0.32 -5.27
C GLN B 554 -21.24 -0.30 -3.89
N GLU B 555 -22.33 -1.01 -3.60
CA GLU B 555 -22.42 -1.73 -2.33
C GLU B 555 -21.70 -3.06 -2.36
N LEU B 556 -21.66 -3.71 -3.53
CA LEU B 556 -20.99 -4.99 -3.66
C LEU B 556 -19.48 -4.82 -3.74
N SER B 557 -19.00 -3.85 -4.50
CA SER B 557 -17.56 -3.67 -4.64
C SER B 557 -16.95 -3.12 -3.36
N LEU B 558 -17.75 -2.48 -2.51
CA LEU B 558 -17.27 -2.08 -1.20
C LEU B 558 -17.27 -3.24 -0.23
N LEU B 559 -18.31 -4.08 -0.29
CA LEU B 559 -18.35 -5.27 0.54
C LEU B 559 -17.24 -6.25 0.16
N HIS B 560 -17.00 -6.40 -1.14
CA HIS B 560 -15.94 -7.28 -1.61
C HIS B 560 -14.57 -6.73 -1.26
N ALA B 561 -14.44 -5.41 -1.12
CA ALA B 561 -13.14 -4.80 -0.85
C ALA B 561 -12.66 -5.12 0.55
N ASN B 562 -13.46 -4.76 1.56
CA ASN B 562 -13.07 -4.94 2.96
C ASN B 562 -14.05 -5.89 3.65
N GLU B 563 -13.82 -7.17 3.44
CA GLU B 563 -14.54 -8.19 4.20
C GLU B 563 -13.61 -9.26 4.77
N LEU B 564 -12.55 -9.62 4.03
CA LEU B 564 -11.56 -10.61 4.42
C LEU B 564 -12.17 -12.01 4.37
N LEU B 565 -13.48 -12.07 4.13
CA LEU B 565 -14.17 -13.33 3.92
C LEU B 565 -14.52 -13.56 2.47
N LEU B 566 -14.77 -12.50 1.71
CA LEU B 566 -14.96 -12.59 0.27
C LEU B 566 -13.65 -12.65 -0.49
N SER B 567 -12.58 -12.04 0.03
CA SER B 567 -11.33 -12.03 -0.70
C SER B 567 -10.55 -13.33 -0.58
N ARG B 568 -10.42 -13.89 0.63
CA ARG B 568 -9.68 -15.13 0.77
C ARG B 568 -10.41 -16.15 1.64
N GLY B 569 -11.72 -16.24 1.51
CA GLY B 569 -12.44 -17.31 2.16
C GLY B 569 -12.63 -18.50 1.27
N TRP B 570 -12.95 -19.64 1.88
CA TRP B 570 -13.25 -20.82 1.10
C TRP B 570 -14.48 -20.58 0.24
N PHE B 571 -14.71 -21.49 -0.70
CA PHE B 571 -15.87 -21.44 -1.58
C PHE B 571 -16.42 -22.85 -1.65
N CYS B 572 -17.49 -23.11 -0.92
CA CYS B 572 -18.15 -24.40 -0.96
C CYS B 572 -19.45 -24.26 -1.74
N TYR B 573 -19.53 -24.97 -2.85
CA TYR B 573 -20.65 -24.89 -3.78
C TYR B 573 -21.64 -25.98 -3.39
N LEU B 574 -22.64 -25.63 -2.60
CA LEU B 574 -23.67 -26.57 -2.21
C LEU B 574 -24.43 -27.04 -3.45
N ARG B 575 -25.17 -28.13 -3.29
CA ARG B 575 -25.96 -28.65 -4.40
C ARG B 575 -26.92 -27.58 -4.91
N ASN B 576 -27.36 -27.77 -6.15
CA ASN B 576 -28.28 -26.81 -6.74
C ASN B 576 -29.17 -27.55 -7.74
N ASP B 577 -30.48 -27.42 -7.57
CA ASP B 577 -31.38 -27.73 -8.65
C ASP B 577 -31.28 -26.65 -9.71
N ASN B 578 -31.87 -26.89 -10.87
CA ASN B 578 -32.00 -25.81 -11.83
C ASN B 578 -32.87 -24.70 -11.23
N HIS B 579 -32.65 -23.48 -11.72
CA HIS B 579 -33.34 -22.26 -11.35
C HIS B 579 -32.88 -21.68 -10.02
N SER B 580 -31.83 -22.21 -9.40
CA SER B 580 -31.32 -21.62 -8.17
C SER B 580 -29.88 -22.07 -7.97
N ILE B 581 -29.09 -21.18 -7.37
CA ILE B 581 -27.67 -21.42 -7.12
C ILE B 581 -27.38 -21.02 -5.68
N MET B 582 -26.70 -21.88 -4.94
CA MET B 582 -26.37 -21.61 -3.55
C MET B 582 -24.92 -21.96 -3.29
N TYR B 583 -24.19 -21.03 -2.69
CA TYR B 583 -22.81 -21.28 -2.30
C TYR B 583 -22.47 -20.39 -1.12
N THR B 584 -21.54 -20.86 -0.30
CA THR B 584 -21.15 -20.16 0.92
C THR B 584 -19.68 -19.79 0.83
N ARG B 585 -19.31 -18.71 1.51
CA ARG B 585 -17.92 -18.32 1.69
C ARG B 585 -17.60 -18.30 3.17
N GLU B 586 -16.53 -18.97 3.56
CA GLU B 586 -16.27 -19.19 4.98
C GLU B 586 -14.78 -19.28 5.24
N LEU B 587 -14.37 -18.73 6.37
CA LEU B 587 -13.00 -18.84 6.84
C LEU B 587 -13.03 -19.48 8.22
N ASP B 588 -11.87 -19.98 8.65
CA ASP B 588 -11.83 -20.83 9.84
C ASP B 588 -12.09 -20.03 11.12
N GLY B 589 -11.23 -19.06 11.41
CA GLY B 589 -11.35 -18.35 12.67
C GLY B 589 -12.20 -17.10 12.62
N ILE B 590 -13.12 -17.01 11.67
CA ILE B 590 -13.91 -15.80 11.50
C ILE B 590 -15.24 -15.92 12.23
N ASN B 591 -15.77 -17.13 12.32
CA ASN B 591 -16.98 -17.41 13.10
C ASN B 591 -18.21 -16.72 12.49
N LYS B 592 -18.19 -16.54 11.18
CA LYS B 592 -19.29 -15.93 10.45
C LYS B 592 -19.16 -16.33 8.99
N VAL B 593 -20.26 -16.81 8.40
CA VAL B 593 -20.25 -17.25 7.03
C VAL B 593 -21.26 -16.43 6.24
N PHE B 594 -20.97 -16.27 4.95
CA PHE B 594 -21.92 -15.71 4.00
C PHE B 594 -22.60 -16.85 3.27
N LEU B 595 -23.86 -16.64 2.90
CA LEU B 595 -24.59 -17.61 2.10
C LEU B 595 -25.32 -16.84 1.00
N MET B 596 -24.93 -17.07 -0.24
CA MET B 596 -25.55 -16.41 -1.38
C MET B 596 -26.55 -17.36 -2.01
N VAL B 597 -27.81 -16.94 -2.09
CA VAL B 597 -28.85 -17.70 -2.75
C VAL B 597 -29.34 -16.85 -3.92
N LEU B 598 -29.04 -17.30 -5.13
CA LEU B 598 -29.38 -16.57 -6.35
C LEU B 598 -30.39 -17.39 -7.14
N ASN B 599 -31.50 -16.76 -7.49
CA ASN B 599 -32.61 -17.44 -8.16
C ASN B 599 -32.64 -16.99 -9.61
N PHE B 600 -32.33 -17.91 -10.52
CA PHE B 600 -32.38 -17.65 -11.95
C PHE B 600 -33.65 -18.17 -12.61
N GLY B 601 -34.63 -18.61 -11.83
CA GLY B 601 -35.82 -19.24 -12.37
C GLY B 601 -37.06 -18.38 -12.31
N GLU B 602 -38.21 -19.04 -12.17
CA GLU B 602 -39.50 -18.39 -12.22
C GLU B 602 -39.88 -17.71 -10.92
N SER B 603 -39.83 -18.44 -9.81
CA SER B 603 -39.97 -17.96 -8.43
C SER B 603 -39.85 -19.20 -7.58
N SER B 604 -39.70 -19.01 -6.27
CA SER B 604 -39.51 -20.18 -5.42
C SER B 604 -39.79 -19.84 -3.98
N LEU B 605 -40.13 -20.87 -3.21
CA LEU B 605 -40.25 -20.79 -1.75
C LEU B 605 -39.46 -21.99 -1.23
N LEU B 606 -38.18 -21.77 -0.95
CA LEU B 606 -37.26 -22.85 -0.64
C LEU B 606 -36.89 -22.85 0.83
N ASN B 607 -36.83 -24.05 1.40
CA ASN B 607 -36.52 -24.25 2.81
C ASN B 607 -35.04 -24.54 2.95
N LEU B 608 -34.30 -23.61 3.54
CA LEU B 608 -32.86 -23.75 3.66
C LEU B 608 -32.43 -24.69 4.77
N LYS B 609 -33.31 -24.97 5.74
CA LYS B 609 -32.90 -25.80 6.87
C LYS B 609 -32.59 -27.23 6.45
N GLU B 610 -33.21 -27.71 5.36
CA GLU B 610 -32.91 -29.07 4.91
C GLU B 610 -31.61 -29.11 4.12
N MET B 611 -31.29 -28.02 3.42
CA MET B 611 -30.17 -28.07 2.47
C MET B 611 -28.82 -27.87 3.15
N ILE B 612 -28.67 -26.81 3.93
CA ILE B 612 -27.37 -26.47 4.50
C ILE B 612 -27.05 -27.34 5.72
N SER B 613 -28.03 -27.58 6.58
CA SER B 613 -27.87 -28.33 7.82
C SER B 613 -26.86 -27.69 8.75
N ASN B 614 -26.57 -26.40 8.58
CA ASN B 614 -25.61 -25.66 9.40
C ASN B 614 -26.19 -24.32 9.84
N ILE B 615 -27.38 -23.98 9.35
CA ILE B 615 -27.92 -22.63 9.44
C ILE B 615 -28.91 -22.53 10.57
N PRO B 616 -28.96 -21.41 11.29
CA PRO B 616 -30.02 -21.20 12.29
C PRO B 616 -31.38 -20.98 11.64
N THR B 617 -32.39 -20.69 12.44
CA THR B 617 -33.73 -20.46 11.92
C THR B 617 -34.03 -18.99 11.66
N ARG B 618 -33.11 -18.08 12.02
CA ARG B 618 -33.29 -16.65 11.78
C ARG B 618 -31.95 -16.07 11.34
N VAL B 619 -31.87 -15.66 10.08
CA VAL B 619 -30.63 -15.14 9.51
C VAL B 619 -30.87 -13.72 9.02
N ARG B 620 -29.81 -12.93 9.02
CA ARG B 620 -29.88 -11.53 8.61
C ARG B 620 -29.47 -11.39 7.15
N ILE B 621 -30.16 -10.53 6.43
CA ILE B 621 -29.91 -10.30 5.01
C ILE B 621 -28.91 -9.16 4.89
N ARG B 622 -27.68 -9.49 4.50
CA ARG B 622 -26.63 -8.49 4.40
C ARG B 622 -26.79 -7.63 3.15
N LEU B 623 -27.40 -8.18 2.10
CA LEU B 623 -27.61 -7.46 0.86
C LEU B 623 -28.66 -8.16 0.04
N SER B 624 -29.33 -7.41 -0.82
CA SER B 624 -30.34 -7.98 -1.70
C SER B 624 -30.36 -7.20 -3.01
N THR B 625 -30.73 -7.88 -4.09
CA THR B 625 -30.74 -7.23 -5.40
C THR B 625 -31.95 -6.32 -5.56
N SER B 626 -33.10 -6.73 -5.02
CA SER B 626 -34.27 -5.86 -5.07
C SER B 626 -34.17 -4.74 -4.05
N SER B 627 -33.18 -4.79 -3.17
CA SER B 627 -32.84 -3.78 -2.18
C SER B 627 -33.94 -3.53 -1.17
N ALA B 628 -35.05 -4.26 -1.23
CA ALA B 628 -36.09 -4.09 -0.21
C ALA B 628 -35.65 -4.65 1.13
N TYR B 629 -34.78 -5.66 1.12
CA TYR B 629 -34.26 -6.28 2.34
C TYR B 629 -32.93 -5.65 2.71
N SER B 630 -33.01 -4.42 3.23
CA SER B 630 -31.80 -3.71 3.63
C SER B 630 -31.17 -4.35 4.86
N GLY B 631 -31.97 -4.53 5.92
CA GLY B 631 -31.48 -5.17 7.12
C GLY B 631 -32.50 -6.11 7.72
N ARG B 632 -33.55 -6.42 6.95
CA ARG B 632 -34.62 -7.26 7.44
C ARG B 632 -34.15 -8.70 7.58
N GLU B 633 -34.46 -9.31 8.72
CA GLU B 633 -34.17 -10.71 8.95
C GLU B 633 -35.31 -11.58 8.42
N VAL B 634 -34.96 -12.81 8.03
CA VAL B 634 -35.93 -13.71 7.43
C VAL B 634 -35.90 -15.05 8.14
N ASP B 635 -36.89 -15.87 7.84
CA ASP B 635 -37.04 -17.19 8.43
C ASP B 635 -36.45 -18.23 7.48
N THR B 636 -35.52 -19.04 8.00
CA THR B 636 -34.88 -20.06 7.18
C THR B 636 -35.90 -21.05 6.64
N HIS B 637 -37.00 -21.28 7.36
CA HIS B 637 -38.00 -22.24 6.93
C HIS B 637 -38.62 -21.85 5.60
N ALA B 638 -38.87 -20.56 5.41
CA ALA B 638 -39.56 -20.08 4.20
C ALA B 638 -38.91 -18.78 3.73
N VAL B 639 -38.06 -18.87 2.71
CA VAL B 639 -37.52 -17.72 2.01
C VAL B 639 -38.05 -17.76 0.58
N THR B 640 -38.41 -16.59 0.06
CA THR B 640 -38.97 -16.48 -1.28
C THR B 640 -38.09 -15.58 -2.14
N LEU B 641 -37.92 -15.95 -3.40
CA LEU B 641 -37.02 -15.27 -4.33
C LEU B 641 -37.75 -14.98 -5.63
N ALA B 642 -37.77 -13.72 -6.03
CA ALA B 642 -38.65 -13.27 -7.12
C ALA B 642 -37.89 -13.15 -8.44
N SER B 643 -37.53 -14.30 -9.00
CA SER B 643 -37.13 -14.44 -10.41
C SER B 643 -36.03 -13.44 -10.78
N GLY B 644 -34.86 -13.65 -10.19
CA GLY B 644 -33.75 -12.77 -10.42
C GLY B 644 -33.34 -12.10 -9.14
N GLU B 645 -33.77 -12.68 -8.02
CA GLU B 645 -33.45 -12.18 -6.71
C GLU B 645 -32.20 -12.88 -6.17
N GLY B 646 -31.35 -12.10 -5.55
CA GLY B 646 -30.18 -12.64 -4.89
C GLY B 646 -30.08 -12.06 -3.50
N LEU B 647 -29.69 -12.91 -2.56
CA LEU B 647 -29.52 -12.49 -1.17
C LEU B 647 -28.13 -12.86 -0.72
N ILE B 648 -27.55 -12.03 0.13
CA ILE B 648 -26.34 -12.38 0.84
C ILE B 648 -26.73 -12.59 2.29
N LEU B 649 -27.09 -13.81 2.64
CA LEU B 649 -27.40 -14.14 4.02
C LEU B 649 -26.11 -14.25 4.81
N GLU B 650 -26.16 -13.88 6.08
CA GLU B 650 -24.98 -13.85 6.91
C GLU B 650 -25.36 -14.24 8.31
N TYR B 651 -24.68 -15.24 8.86
CA TYR B 651 -24.99 -15.72 10.20
C TYR B 651 -23.71 -16.24 10.84
N ASN B 652 -23.80 -16.61 12.11
CA ASN B 652 -22.66 -17.12 12.86
C ASN B 652 -22.80 -18.62 13.07
N THR B 653 -21.68 -19.32 13.01
CA THR B 653 -21.67 -20.75 13.22
C THR B 653 -20.24 -21.20 13.49
N GLY B 654 -20.13 -22.36 14.15
CA GLY B 654 -18.83 -22.94 14.45
C GLY B 654 -18.56 -24.18 13.64
N ASN B 655 -19.62 -24.68 12.98
CA ASN B 655 -19.51 -25.85 12.12
C ASN B 655 -19.42 -25.38 10.68
N LEU B 656 -18.20 -25.34 10.14
CA LEU B 656 -18.03 -24.89 8.77
C LEU B 656 -18.18 -26.05 7.80
N LEU B 657 -18.61 -25.72 6.58
CA LEU B 657 -18.96 -26.75 5.59
C LEU B 657 -17.73 -27.42 5.00
N HIS B 658 -16.61 -26.73 4.89
CA HIS B 658 -15.45 -27.33 4.26
C HIS B 658 -14.69 -28.26 5.20
N ARG B 659 -14.94 -28.20 6.50
CA ARG B 659 -14.25 -29.08 7.43
C ARG B 659 -14.84 -30.47 7.44
N GLN B 660 -16.11 -30.61 7.08
CA GLN B 660 -16.75 -31.91 7.05
C GLN B 660 -16.13 -32.78 5.96
N THR B 661 -16.58 -34.03 5.91
CA THR B 661 -16.05 -35.00 4.95
C THR B 661 -16.86 -35.06 3.67
N ALA B 662 -18.15 -34.76 3.71
CA ALA B 662 -19.00 -34.85 2.54
C ALA B 662 -18.81 -33.68 1.59
N PHE B 663 -18.06 -32.65 2.00
CA PHE B 663 -17.89 -31.44 1.19
C PHE B 663 -16.45 -31.20 0.77
N LYS B 664 -15.55 -32.15 1.02
CA LYS B 664 -14.18 -31.98 0.55
C LYS B 664 -14.09 -32.09 -0.96
N ASP B 665 -15.15 -32.58 -1.61
CA ASP B 665 -15.14 -32.70 -3.06
C ASP B 665 -15.64 -31.43 -3.75
N ARG B 666 -16.28 -30.53 -3.01
CA ARG B 666 -16.92 -29.36 -3.61
C ARG B 666 -16.60 -28.07 -2.87
N CYS B 667 -15.42 -27.95 -2.29
CA CYS B 667 -14.93 -26.70 -1.73
C CYS B 667 -13.61 -26.33 -2.41
N PHE B 668 -13.47 -25.05 -2.75
CA PHE B 668 -12.31 -24.57 -3.50
C PHE B 668 -11.69 -23.39 -2.78
N VAL B 669 -10.36 -23.39 -2.69
CA VAL B 669 -9.63 -22.23 -2.19
C VAL B 669 -8.30 -22.18 -2.92
N SER B 670 -7.79 -20.97 -3.14
CA SER B 670 -6.52 -20.83 -3.83
C SER B 670 -5.36 -21.08 -2.88
N ASN B 671 -5.25 -20.27 -1.82
CA ASN B 671 -4.20 -20.45 -0.83
C ASN B 671 -4.89 -20.48 0.54
N ARG B 672 -4.98 -21.67 1.13
CA ARG B 672 -5.68 -21.81 2.40
C ARG B 672 -4.97 -21.00 3.49
N ALA B 673 -5.78 -20.37 4.34
CA ALA B 673 -5.25 -19.52 5.40
C ALA B 673 -6.31 -19.40 6.47
N CYS B 674 -5.98 -19.80 7.70
CA CYS B 674 -6.91 -19.69 8.80
C CYS B 674 -6.72 -18.35 9.52
N TYR B 675 -7.65 -18.05 10.42
CA TYR B 675 -7.69 -16.76 11.09
C TYR B 675 -7.48 -16.94 12.59
N SER B 676 -6.79 -15.97 13.19
CA SER B 676 -6.50 -15.97 14.62
C SER B 676 -7.15 -14.74 15.23
N ARG B 677 -8.05 -14.95 16.19
CA ARG B 677 -8.74 -13.82 16.80
C ARG B 677 -7.86 -13.10 17.82
N VAL B 678 -7.02 -13.84 18.55
CA VAL B 678 -6.19 -13.22 19.57
C VAL B 678 -5.05 -12.42 18.93
N LEU B 679 -4.52 -12.91 17.80
CA LEU B 679 -3.46 -12.20 17.12
C LEU B 679 -3.98 -11.29 16.02
N ASN B 680 -5.21 -11.50 15.56
CA ASN B 680 -5.81 -10.67 14.51
C ASN B 680 -4.99 -10.72 13.22
N ILE B 681 -4.57 -11.93 12.84
CA ILE B 681 -3.74 -12.14 11.66
C ILE B 681 -4.24 -13.36 10.91
N LEU B 682 -3.94 -13.40 9.62
CA LEU B 682 -4.05 -14.63 8.85
C LEU B 682 -2.77 -15.43 9.03
N TYR B 683 -2.91 -16.74 9.15
CA TYR B 683 -1.73 -17.61 9.24
C TYR B 683 -1.97 -18.84 8.39
N SER B 684 -0.95 -19.24 7.64
CA SER B 684 -1.09 -20.30 6.66
C SER B 684 -0.76 -21.67 7.20
N LEU B 685 -0.42 -21.79 8.48
CA LEU B 685 -0.04 -23.09 9.03
C LEU B 685 -1.25 -24.00 9.16
N CYS B 686 -2.43 -23.44 9.41
CA CYS B 686 -3.64 -24.23 9.55
C CYS B 686 -4.32 -24.41 8.19
C1 NAG C . -20.45 -33.34 -47.52
C2 NAG C . -21.82 -33.84 -47.11
C3 NAG C . -22.34 -34.83 -48.14
C4 NAG C . -22.33 -34.20 -49.53
C5 NAG C . -20.95 -33.62 -49.84
C6 NAG C . -20.89 -32.83 -51.12
C7 NAG C . -22.19 -33.80 -44.69
C8 NAG C . -22.08 -34.57 -43.41
N2 NAG C . -21.78 -34.45 -45.79
O3 NAG C . -23.65 -35.23 -47.79
O4 NAG C . -22.63 -35.21 -50.50
O5 NAG C . -20.53 -32.73 -48.79
O6 NAG C . -19.56 -32.53 -51.49
O7 NAG C . -22.63 -32.66 -44.73
C1 NAG C . -23.67 -35.08 -51.55
C2 NAG C . -25.06 -34.60 -51.13
C3 NAG C . -25.98 -34.49 -52.34
C4 NAG C . -25.35 -33.62 -53.42
C5 NAG C . -23.97 -34.17 -53.77
C6 NAG C . -23.23 -33.32 -54.76
C7 NAG C . -26.28 -35.08 -49.04
C8 NAG C . -26.39 -33.59 -48.87
N2 NAG C . -25.63 -35.49 -50.13
O3 NAG C . -27.23 -33.92 -51.94
O4 NAG C . -26.16 -33.62 -54.58
O5 NAG C . -23.16 -34.22 -52.58
O6 NAG C . -23.80 -33.40 -56.06
O7 NAG C . -26.76 -35.86 -48.23
C1 NAG D . -14.13 -14.18 -50.21
C2 NAG D . -15.48 -14.27 -49.51
C3 NAG D . -16.62 -14.10 -50.52
C4 NAG D . -16.42 -12.83 -51.34
C5 NAG D . -15.04 -12.83 -51.97
C6 NAG D . -14.72 -11.54 -52.71
C7 NAG D . -16.11 -15.65 -47.57
C8 NAG D . -16.51 -14.35 -46.91
N2 NAG D . -15.62 -15.54 -48.81
O3 NAG D . -17.87 -14.07 -49.85
O4 NAG D . -17.41 -12.76 -52.36
O5 NAG D . -14.04 -12.96 -50.94
O6 NAG D . -13.78 -11.76 -53.75
O7 NAG D . -16.22 -16.72 -47.00
C1 NAG D . -18.31 -11.60 -52.37
C2 NAG D . -19.16 -11.65 -53.64
C3 NAG D . -20.14 -10.48 -53.66
C4 NAG D . -20.96 -10.46 -52.38
C5 NAG D . -20.04 -10.44 -51.16
C6 NAG D . -20.77 -10.51 -49.85
C7 NAG D . -18.39 -12.61 -55.76
C8 NAG D . -17.47 -12.45 -56.93
N2 NAG D . -18.34 -11.65 -54.82
O3 NAG D . -21.00 -10.60 -54.78
O4 NAG D . -21.79 -9.30 -52.34
O5 NAG D . -19.15 -11.58 -51.21
O6 NAG D . -21.25 -9.24 -49.45
O7 NAG D . -19.16 -13.56 -55.66
C1 CLR E . 2.29 -7.96 22.10
C2 CLR E . 1.44 -7.37 20.97
C3 CLR E . -0.03 -7.32 21.35
C4 CLR E . -0.18 -6.51 22.63
C5 CLR E . 0.67 -7.05 23.75
C6 CLR E . 0.14 -7.41 24.91
C7 CLR E . 0.92 -7.84 26.11
C8 CLR E . 2.41 -7.57 25.96
C9 CLR E . 2.87 -7.99 24.56
C10 CLR E . 2.16 -7.19 23.44
C11 CLR E . 4.40 -7.99 24.43
C12 CLR E . 5.11 -8.74 25.55
C13 CLR E . 4.73 -8.20 26.93
C14 CLR E . 3.19 -8.31 27.04
C15 CLR E . 2.90 -7.99 28.50
C16 CLR E . 4.12 -8.56 29.26
C17 CLR E . 5.13 -9.05 28.18
C18 CLR E . 5.22 -6.75 27.10
C19 CLR E . 2.75 -5.78 23.28
C20 CLR E . 6.58 -9.03 28.69
C21 CLR E . 7.55 -9.78 27.79
C22 CLR E . 6.63 -9.60 30.11
C23 CLR E . 8.00 -9.64 30.74
C24 CLR E . 7.99 -10.12 32.17
C25 CLR E . 9.36 -10.31 32.83
C26 CLR E . 10.17 -9.02 32.79
C27 CLR E . 9.22 -10.82 34.26
O1 CLR E . -0.79 -6.71 20.30
C1 CLR F . 22.88 3.87 -7.83
C2 CLR F . 21.91 4.03 -9.00
C3 CLR F . 21.27 5.39 -9.00
C4 CLR F . 22.34 6.46 -9.05
C5 CLR F . 23.33 6.31 -7.91
C6 CLR F . 23.57 7.32 -7.08
C7 CLR F . 24.59 7.30 -5.98
C8 CLR F . 25.52 6.11 -6.06
C9 CLR F . 24.72 4.83 -6.40
C10 CLR F . 23.99 4.94 -7.77
C11 CLR F . 25.58 3.57 -6.28
C12 CLR F . 26.32 3.46 -4.94
C13 CLR F . 27.19 4.69 -4.68
C14 CLR F . 26.27 5.92 -4.75
C15 CLR F . 27.12 7.06 -4.21
C16 CLR F . 28.06 6.38 -3.19
C17 CLR F . 27.77 4.86 -3.25
C18 CLR F . 28.33 4.77 -5.72
C19 CLR F . 24.96 4.75 -8.95
C20 CLR F . 28.96 4.01 -2.78
C21 CLR F . 28.60 2.56 -2.45
C22 CLR F . 29.69 4.68 -1.61
C23 CLR F . 28.99 4.60 -0.27
C24 CLR F . 29.75 5.29 0.85
C25 CLR F . 29.38 6.75 1.12
C26 CLR F . 29.80 7.67 -0.03
C27 CLR F . 29.97 7.24 2.43
O1 CLR F . 20.40 5.52 -10.13
C1 LBN G . 10.77 -16.10 3.38
N1 LBN G . 5.91 -13.68 3.75
P1 LBN G . 8.52 -17.47 3.27
C2 LBN G . 11.60 -15.38 4.41
C3 LBN G . 12.35 -16.30 5.35
C4 LBN G . 15.19 -9.49 14.18
C5 LBN G . 17.44 -7.16 6.93
C6 LBN G . 6.83 -14.27 4.80
O1 LBN G . 9.89 -17.07 4.01
C7 LBN G . 16.14 -9.22 15.31
C8 LBN G . 17.02 -8.15 7.96
C9 LBN G . 7.15 -15.74 4.70
O2 LBN G . 7.69 -16.12 3.41
C10 LBN G . 15.54 -8.46 16.46
C11 LBN G . 17.54 -7.82 9.32
C12 LBN G . 6.70 -13.28 2.55
O3 LBN G . 8.83 -17.73 1.82
C13 LBN G . 16.52 -8.13 17.56
C14 LBN G . 17.10 -6.47 9.82
C15 LBN G . 4.91 -14.69 3.34
O4 LBN G . 7.85 -18.53 4.10
C16 LBN G . 15.97 -7.26 18.66
C17 LBN G . 17.88 -5.95 11.01
C18 LBN G . 5.20 -12.50 4.30
C19 LBN G . 16.99 -6.93 19.71
C20 LBN G . 17.96 -6.92 12.17
C21 LBN G . 18.22 -6.25 19.18
C22 LBN G . 18.61 -6.34 13.39
C23 LBN G . 19.98 -5.76 13.17
C24 LBN G . 20.59 -5.17 14.41
C25 LBN G . 11.33 -16.52 7.49
O5 LBN G . 11.41 -16.95 6.23
C26 LBN G . 12.07 -15.23 7.72
O6 LBN G . 10.73 -17.11 8.35
C27 LBN G . 12.07 -14.77 9.15
C28 LBN G . 12.63 -13.36 9.28
C29 LBN G . 12.88 -12.91 10.70
C30 LBN G . 13.44 -11.52 10.80
C31 LBN G . 14.18 -11.19 12.06
C32 LBN G . 13.31 -10.90 13.26
C33 LBN G . 14.12 -10.51 14.48
C34 LBN G . 12.24 -13.45 3.10
O7 LBN G . 12.61 -14.56 3.75
C35 LBN G . 13.42 -12.67 2.62
O8 LBN G . 11.09 -13.12 2.95
C36 LBN G . 13.05 -11.35 2.00
C37 LBN G . 14.27 -10.50 1.72
C38 LBN G . 15.09 -10.16 2.94
C39 LBN G . 16.31 -9.34 2.66
C40 LBN G . 17.11 -8.92 3.89
C41 LBN G . 16.32 -8.14 4.89
C42 LBN G . 17.17 -7.16 5.64
CA CA H . 1.04 -15.72 -36.88
C1 NAG I . -32.60 14.82 -16.96
C2 NAG I . -34.07 15.22 -16.96
C3 NAG I . -34.24 16.62 -16.37
C4 NAG I . -33.59 16.68 -14.98
C5 NAG I . -32.14 16.24 -15.08
C6 NAG I . -31.44 16.19 -13.74
C7 NAG I . -35.51 14.25 -18.70
C8 NAG I . -35.98 14.34 -20.12
N2 NAG I . -34.62 15.18 -18.31
O3 NAG I . -35.62 16.92 -16.27
O4 NAG I . -33.65 18.01 -14.48
O5 NAG I . -32.07 14.91 -15.63
O6 NAG I . -30.04 16.41 -13.87
O7 NAG I . -35.91 13.37 -17.93
C1 NAG J . -6.88 -14.92 -68.30
C2 NAG J . -7.04 -16.34 -67.76
C3 NAG J . -8.42 -16.88 -68.10
C4 NAG J . -9.50 -15.93 -67.62
C5 NAG J . -9.25 -14.53 -68.17
C6 NAG J . -10.21 -13.50 -67.62
C7 NAG J . -4.99 -17.69 -67.54
C8 NAG J . -4.01 -18.57 -68.25
N2 NAG J . -6.00 -17.22 -68.29
O3 NAG J . -8.59 -18.16 -67.49
O4 NAG J . -10.77 -16.38 -68.06
O5 NAG J . -7.93 -14.09 -67.80
O6 NAG J . -11.49 -13.61 -68.24
O7 NAG J . -4.87 -17.39 -66.35
C1 NAG K . 10.60 0.48 -52.43
C2 NAG K . 10.71 1.81 -51.69
C3 NAG K . 10.15 2.94 -52.54
C4 NAG K . 10.83 2.96 -53.90
C5 NAG K . 10.69 1.59 -54.56
C6 NAG K . 11.44 1.49 -55.88
C7 NAG K . 10.64 1.42 -49.26
C8 NAG K . 9.78 1.42 -48.04
N2 NAG K . 10.03 1.76 -50.40
O3 NAG K . 10.36 4.18 -51.88
O4 NAG K . 10.23 3.94 -54.73
O5 NAG K . 11.26 0.58 -53.70
O6 NAG K . 12.70 2.16 -55.83
O7 NAG K . 11.82 1.12 -49.23
C1 NAG L . -23.41 21.77 -35.15
C2 NAG L . -22.02 22.38 -35.33
C3 NAG L . -22.02 23.83 -34.89
C4 NAG L . -23.13 24.61 -35.59
C5 NAG L . -24.47 23.90 -35.41
C6 NAG L . -25.59 24.54 -36.20
C7 NAG L . -19.77 21.45 -35.02
C8 NAG L . -18.87 20.65 -34.13
N2 NAG L . -21.02 21.63 -34.59
O3 NAG L . -20.76 24.43 -35.18
O4 NAG L . -23.22 25.93 -35.07
O5 NAG L . -24.37 22.54 -35.87
O6 NAG L . -25.27 25.89 -36.54
O7 NAG L . -19.37 21.93 -36.09
#